data_7E2X
#
_entry.id   7E2X
#
loop_
_entity.id
_entity.type
_entity.pdbx_description
1 polymer 'Guanine nucleotide-binding protein G(i) subunit alpha-1'
2 polymer 'Guanine nucleotide-binding protein G(I)/G(S)/G(T) subunit beta-1'
3 polymer 'Guanine nucleotide-binding protein G(I)/G(S)/G(O) subunit gamma-2'
4 polymer 'Soluble cytochrome b562,5-hydroxytryptamine receptor 1A'
5 non-polymer '[(2R)-1-[oxidanyl-[(2R,3R,5S,6R)-2,3,5,6-tetrakis(oxidanyl)-4-phosphonooxy-cyclohexyl]oxy-phosphoryl]oxy-3-tetradecanoyloxy-propan-2-yl] (5E,8E)-hexadeca-5,8,11,14-tetraenoate'
6 non-polymer CHOLESTEROL
7 non-polymer 'PALMITIC ACID'
8 water water
#
loop_
_entity_poly.entity_id
_entity_poly.type
_entity_poly.pdbx_seq_one_letter_code
_entity_poly.pdbx_strand_id
1 'polypeptide(L)'
;MGCTLSAEDKAAVERSKMIDRNLREDGEKAAREVKLLLLGAGESGKNTIVKQMKIIHEAGYSEEECKQYKAVVYSNTIQS
IIAIIRAMGRLKIDFGDSARADDARQLFVLAGAAEEGFMTAELAGVIKRLWKDSGVQACFNRSREYQLNDSAAYYLNDLD
RIAQPNYIPTQQDVLRTRVKTTGIVETHFTFKDLHFKMFDVGAQRSERKKWIHCFEGVTAIIFCVALSDYDLVLAEDEEM
NRMHASMKLFDSICNNKWFTDTSIILFLNKKDLFEEKIKKSPLTICYPEYAGSNTYEEAAAYIQCQFEDLNKRKDTKEIY
THFTCSTDTKNVQFVFDAVTDVIIKNNLKDCGLF
;
A
2 'polypeptide(L)'
;MGSLLQSELDQLRQEAEQLKNQIRDARKACADATLSQITNNIDPVGRIQMRTRRTLRGHLAKIYAMHWGTDSRLLVSASQ
DGKLIIWDSYTTNKVHAIPLRSSWVMTCAYAPSGNYVACGGLDNICSIYNLKTREGNVRVSRELAGHTGYLSCCRFLDDN
QIVTSSGDTTCALWDIETGQQTTTFTGHTGDVMSLSLAPDTRLFVSGACDASAKLWDVREGMCRQTFTGHESDINAICFF
PNGNAFATGSDDATCRLFDLRADQELMTYSHDNIICGITSVSFSKSGRLLLAGYDDFNCNVWDALKADRAGVLAGHDNRV
SCLGVTDDGMAVATGSWDSFLKIWN
;
B
3 'polypeptide(L)' MASNNTASIAQARKLVEQLKMEANIDRIKVSKAAADLMAYCEAHAKEDPLLTPVPASENPFREKKFFCAIL G
4 'polypeptide(L)'
;DYKDDDDAKLQTMHHHHHHHHHHHHHHHADLEDNWETLNDNLKVIEKADNAAQVKDALTKMRAAALDAQKATPPKLEDKS
PDSPEMKDFRHGFDILVGQIDDALKLANEGKVKEAQAAAEQLKTTRNAYIQKYLASENLYFQGGTTTGISDVTVSYQVIT
SLLLGTLIFCAVLGNACVVAAIALERSLQNVANYLIGSLAVTDLMVSVLVLPMAALYQVLNKWTLGQVTCDLFIALDVLC
CTSSIWHLCAIALDRYWAITDPIDYVNKRTPRRAAALISLTWLIGFLISIPPMLGWRTPEDRSDPDACTISKDHGYTIYS
TFGAFYIPLLLMLVLYGRIFRAARFRIRKTVKKVEKTGADTRHGASPAPQPKKSVNGESGSRNWRLGVESKAGGALCANG
AVRQGDDGAALEVIEVHRVGNSKEHLPLPSEAGPTPCAPASFERKNERNAEAKRKMALARERKTVKTLGIIMGTFILCWL
PFFIVALVLPFCESSCHMPTLLGAIINWLGYSNSLLNPVIYAYFNKDFQNAFKKIIKCKFCRQ
;
R
#
loop_
_chem_comp.id
_chem_comp.type
_chem_comp.name
_chem_comp.formula
CLR non-polymer CHOLESTEROL 'C27 H46 O'
J40 non-polymer '[(2R)-1-[oxidanyl-[(2R,3R,5S,6R)-2,3,5,6-tetrakis(oxidanyl)-4-phosphonooxy-cyclohexyl]oxy-phosphoryl]oxy-3-tetradecanoyloxy-propan-2-yl] (5E,8E)-hexadeca-5,8,11,14-tetraenoate' 'C39 H68 O16 P2'
PLM non-polymer 'PALMITIC ACID' 'C16 H32 O2'
#
# COMPACT_ATOMS: atom_id res chain seq x y z
N THR A 4 -31.76 -12.05 -16.12
CA THR A 4 -30.71 -12.18 -17.17
C THR A 4 -31.07 -11.32 -18.38
N LEU A 5 -32.31 -11.44 -18.85
CA LEU A 5 -32.78 -10.69 -20.02
C LEU A 5 -33.26 -9.30 -19.57
N SER A 6 -32.29 -8.48 -19.20
CA SER A 6 -32.53 -7.11 -18.77
C SER A 6 -31.68 -6.16 -19.59
N ALA A 7 -32.30 -5.12 -20.13
CA ALA A 7 -31.57 -4.14 -20.93
C ALA A 7 -30.91 -3.09 -20.05
N GLU A 8 -31.61 -2.62 -19.02
CA GLU A 8 -31.03 -1.63 -18.12
C GLU A 8 -29.82 -2.19 -17.38
N ASP A 9 -29.90 -3.46 -16.96
CA ASP A 9 -28.77 -4.07 -16.29
C ASP A 9 -27.56 -4.16 -17.21
N LYS A 10 -27.79 -4.53 -18.48
CA LYS A 10 -26.69 -4.60 -19.43
C LYS A 10 -26.10 -3.21 -19.69
N ALA A 11 -26.95 -2.19 -19.78
CA ALA A 11 -26.45 -0.83 -19.97
C ALA A 11 -25.60 -0.40 -18.77
N ALA A 12 -26.06 -0.72 -17.56
CA ALA A 12 -25.28 -0.39 -16.37
C ALA A 12 -23.95 -1.13 -16.36
N VAL A 13 -23.95 -2.40 -16.79
CA VAL A 13 -22.71 -3.16 -16.85
C VAL A 13 -21.75 -2.53 -17.85
N GLU A 14 -22.27 -2.11 -19.01
CA GLU A 14 -21.42 -1.46 -20.00
C GLU A 14 -20.85 -0.15 -19.46
N ARG A 15 -21.67 0.63 -18.75
CA ARG A 15 -21.18 1.87 -18.15
C ARG A 15 -20.10 1.59 -17.12
N SER A 16 -20.28 0.55 -16.31
CA SER A 16 -19.26 0.18 -15.33
C SER A 16 -17.97 -0.24 -16.02
N LYS A 17 -18.08 -0.99 -17.11
CA LYS A 17 -16.90 -1.40 -17.86
C LYS A 17 -16.16 -0.19 -18.43
N MET A 18 -16.91 0.77 -18.98
CA MET A 18 -16.29 1.98 -19.50
C MET A 18 -15.60 2.76 -18.39
N ILE A 19 -16.25 2.88 -17.23
CA ILE A 19 -15.65 3.59 -16.11
C ILE A 19 -14.37 2.90 -15.66
N ASP A 20 -14.38 1.57 -15.59
CA ASP A 20 -13.19 0.83 -15.19
C ASP A 20 -12.07 1.03 -16.21
N ARG A 21 -12.39 1.00 -17.50
CA ARG A 21 -11.39 1.23 -18.52
C ARG A 21 -10.77 2.62 -18.37
N ASN A 22 -11.61 3.64 -18.18
CA ASN A 22 -11.10 5.00 -18.02
C ASN A 22 -10.23 5.12 -16.78
N LEU A 23 -10.67 4.51 -15.67
CA LEU A 23 -9.89 4.58 -14.43
C LEU A 23 -8.53 3.90 -14.61
N ARG A 24 -8.50 2.73 -15.25
CA ARG A 24 -7.24 2.04 -15.46
C ARG A 24 -6.32 2.85 -16.37
N GLU A 25 -6.87 3.44 -17.43
CA GLU A 25 -6.06 4.26 -18.32
C GLU A 25 -5.47 5.46 -17.57
N ASP A 26 -6.29 6.13 -16.77
CA ASP A 26 -5.79 7.27 -16.01
C ASP A 26 -4.73 6.86 -15.00
N GLY A 27 -4.93 5.73 -14.33
CA GLY A 27 -3.93 5.25 -13.39
C GLY A 27 -2.62 4.91 -14.06
N GLU A 28 -2.68 4.28 -15.24
CA GLU A 28 -1.46 3.98 -15.99
C GLU A 28 -0.78 5.27 -16.41
N LYS A 29 -1.55 6.27 -16.86
CA LYS A 29 -0.96 7.54 -17.27
C LYS A 29 -0.27 8.23 -16.10
N ALA A 30 -0.90 8.20 -14.92
CA ALA A 30 -0.36 8.89 -13.75
C ALA A 30 0.69 8.08 -13.01
N ALA A 31 0.87 6.80 -13.35
CA ALA A 31 1.85 5.97 -12.66
C ALA A 31 3.29 6.30 -13.06
N ARG A 32 3.50 6.92 -14.22
CA ARG A 32 4.84 7.25 -14.70
C ARG A 32 5.28 8.65 -14.26
N GLU A 33 5.17 8.91 -12.97
CA GLU A 33 5.53 10.22 -12.40
C GLU A 33 6.23 10.00 -11.07
N VAL A 34 7.45 10.52 -10.95
CA VAL A 34 8.23 10.37 -9.73
C VAL A 34 7.80 11.43 -8.73
N LYS A 35 7.41 11.00 -7.53
CA LYS A 35 6.92 11.89 -6.49
C LYS A 35 8.04 12.26 -5.54
N LEU A 36 8.17 13.55 -5.24
CA LEU A 36 9.16 14.07 -4.32
C LEU A 36 8.46 14.89 -3.25
N LEU A 37 8.94 14.79 -2.02
CA LEU A 37 8.35 15.51 -0.89
C LEU A 37 9.35 16.54 -0.37
N LEU A 38 9.02 17.81 -0.56
CA LEU A 38 9.92 18.91 -0.16
C LEU A 38 9.58 19.32 1.26
N LEU A 39 10.60 19.36 2.12
CA LEU A 39 10.44 19.72 3.52
C LEU A 39 11.58 20.64 3.95
N GLY A 40 11.31 21.42 4.98
CA GLY A 40 12.29 22.35 5.50
C GLY A 40 11.62 23.32 6.46
N ALA A 41 12.41 24.31 6.88
CA ALA A 41 11.90 25.33 7.79
C ALA A 41 11.11 26.37 7.02
N GLY A 42 10.56 27.34 7.76
CA GLY A 42 9.73 28.36 7.14
C GLY A 42 10.49 29.22 6.14
N GLU A 43 11.73 29.58 6.48
CA GLU A 43 12.50 30.51 5.64
C GLU A 43 13.86 29.94 5.30
N SER A 44 13.91 28.68 4.85
CA SER A 44 15.14 28.05 4.43
C SER A 44 15.40 28.19 2.93
N GLY A 45 14.56 28.94 2.22
CA GLY A 45 14.73 29.11 0.79
C GLY A 45 13.98 28.11 -0.07
N LYS A 46 12.98 27.41 0.48
CA LYS A 46 12.25 26.43 -0.30
C LYS A 46 11.56 27.07 -1.50
N ASN A 47 10.94 28.24 -1.29
CA ASN A 47 10.27 28.93 -2.39
C ASN A 47 11.27 29.34 -3.46
N THR A 48 12.43 29.87 -3.04
CA THR A 48 13.45 30.26 -4.01
C THR A 48 13.98 29.05 -4.76
N ILE A 49 14.12 27.92 -4.06
CA ILE A 49 14.60 26.70 -4.71
C ILE A 49 13.60 26.22 -5.76
N VAL A 50 12.32 26.24 -5.42
CA VAL A 50 11.29 25.85 -6.38
C VAL A 50 11.30 26.80 -7.56
N LYS A 51 11.48 28.10 -7.30
CA LYS A 51 11.52 29.08 -8.37
C LYS A 51 12.70 28.83 -9.30
N GLN A 52 13.87 28.51 -8.75
CA GLN A 52 15.06 28.33 -9.59
C GLN A 52 15.02 27.00 -10.34
N MET A 53 14.33 25.99 -9.81
CA MET A 53 14.06 24.80 -10.63
C MET A 53 13.08 25.11 -11.76
N LYS A 54 11.97 25.78 -11.45
CA LYS A 54 10.94 25.98 -12.47
C LYS A 54 11.36 27.00 -13.53
N ILE A 55 12.45 27.73 -13.32
CA ILE A 55 12.95 28.66 -14.31
C ILE A 55 14.33 28.22 -14.78
N THR A 182 -4.43 26.84 0.02
CA THR A 182 -3.13 27.34 0.46
C THR A 182 -2.40 26.29 1.30
N GLY A 183 -2.66 25.02 1.01
CA GLY A 183 -2.04 23.93 1.73
C GLY A 183 -0.92 23.27 0.95
N ILE A 184 -1.20 22.11 0.38
CA ILE A 184 -0.21 21.38 -0.40
C ILE A 184 0.02 22.10 -1.71
N VAL A 185 1.28 22.35 -2.05
CA VAL A 185 1.65 23.01 -3.29
C VAL A 185 2.28 21.97 -4.20
N GLU A 186 1.73 21.82 -5.40
CA GLU A 186 2.20 20.84 -6.37
C GLU A 186 2.96 21.54 -7.48
N THR A 187 4.17 21.04 -7.78
CA THR A 187 5.00 21.59 -8.84
C THR A 187 5.37 20.47 -9.81
N HIS A 188 5.36 20.80 -11.10
CA HIS A 188 5.66 19.85 -12.16
C HIS A 188 7.00 20.19 -12.79
N PHE A 189 7.88 19.20 -12.89
CA PHE A 189 9.17 19.36 -13.55
C PHE A 189 9.33 18.30 -14.63
N THR A 190 9.91 18.71 -15.76
CA THR A 190 10.18 17.80 -16.87
C THR A 190 11.63 17.99 -17.28
N PHE A 191 12.47 17.00 -16.99
CA PHE A 191 13.90 17.08 -17.28
C PHE A 191 14.36 15.75 -17.87
N LYS A 192 14.87 15.80 -19.10
CA LYS A 192 15.40 14.61 -19.78
C LYS A 192 14.37 13.49 -19.82
N ASP A 193 13.13 13.85 -20.16
CA ASP A 193 12.04 12.89 -20.32
C ASP A 193 11.79 12.13 -19.02
N LEU A 194 11.48 12.88 -17.98
CA LEU A 194 11.14 12.29 -16.68
C LEU A 194 10.32 13.31 -15.90
N HIS A 195 9.12 12.93 -15.52
CA HIS A 195 8.16 13.83 -14.87
C HIS A 195 8.31 13.74 -13.36
N PHE A 196 8.56 14.87 -12.72
CA PHE A 196 8.65 14.96 -11.27
C PHE A 196 7.51 15.80 -10.73
N LYS A 197 6.83 15.24 -9.72
CA LYS A 197 5.77 15.93 -8.99
C LYS A 197 6.31 16.26 -7.60
N MET A 198 6.61 17.53 -7.35
CA MET A 198 7.14 17.97 -6.08
C MET A 198 6.01 18.50 -5.22
N PHE A 199 5.92 17.99 -3.99
CA PHE A 199 4.88 18.38 -3.04
C PHE A 199 5.53 19.20 -1.93
N ASP A 200 5.22 20.49 -1.89
CA ASP A 200 5.66 21.36 -0.81
C ASP A 200 4.55 21.45 0.24
N VAL A 201 4.91 21.18 1.50
CA VAL A 201 3.94 21.03 2.57
C VAL A 201 4.10 22.08 3.67
N GLY A 202 5.16 22.88 3.64
CA GLY A 202 5.43 23.81 4.72
C GLY A 202 4.54 25.02 4.76
N ALA A 203 3.64 25.18 3.79
CA ALA A 203 2.73 26.33 3.81
C ALA A 203 1.83 26.30 5.04
N GLN A 204 1.33 25.13 5.40
CA GLN A 204 0.42 24.97 6.53
C GLN A 204 1.14 24.27 7.68
N ARG A 205 0.85 24.72 8.90
CA ARG A 205 1.46 24.17 10.11
C ARG A 205 0.38 23.47 10.93
N SER A 206 0.65 22.22 11.30
CA SER A 206 -0.26 21.41 12.09
C SER A 206 0.52 20.25 12.69
N GLU A 207 -0.20 19.29 13.27
CA GLU A 207 0.43 18.11 13.85
C GLU A 207 0.87 17.17 12.73
N ARG A 208 2.18 16.95 12.63
CA ARG A 208 2.72 16.16 11.53
C ARG A 208 2.45 14.67 11.70
N LYS A 209 2.14 14.21 12.92
CA LYS A 209 1.99 12.79 13.16
C LYS A 209 0.75 12.21 12.49
N LYS A 210 -0.24 13.03 12.16
CA LYS A 210 -1.52 12.54 11.66
C LYS A 210 -1.71 12.70 10.16
N TRP A 211 -0.72 13.24 9.45
CA TRP A 211 -0.79 13.32 8.00
C TRP A 211 0.50 12.95 7.30
N ILE A 212 1.58 12.66 8.03
CA ILE A 212 2.82 12.25 7.39
C ILE A 212 2.68 10.88 6.75
N HIS A 213 1.94 9.97 7.38
CA HIS A 213 1.77 8.63 6.85
C HIS A 213 1.15 8.63 5.46
N CYS A 214 0.41 9.70 5.11
CA CYS A 214 -0.19 9.76 3.78
C CYS A 214 0.85 9.88 2.68
N PHE A 215 2.09 10.25 3.01
CA PHE A 215 3.16 10.40 2.03
C PHE A 215 4.06 9.17 1.94
N GLU A 216 3.56 8.00 2.31
CA GLU A 216 4.34 6.79 2.18
C GLU A 216 4.52 6.43 0.71
N GLY A 217 5.69 5.89 0.38
CA GLY A 217 5.99 5.50 -0.99
C GLY A 217 6.60 6.59 -1.84
N VAL A 218 6.76 7.81 -1.31
CA VAL A 218 7.39 8.88 -2.08
C VAL A 218 8.80 8.47 -2.44
N THR A 219 9.21 8.79 -3.67
CA THR A 219 10.52 8.37 -4.16
C THR A 219 11.64 8.98 -3.32
N ALA A 220 11.52 10.26 -2.97
CA ALA A 220 12.58 10.92 -2.23
C ALA A 220 12.01 12.08 -1.43
N ILE A 221 12.67 12.37 -0.30
CA ILE A 221 12.35 13.52 0.53
C ILE A 221 13.49 14.52 0.41
N ILE A 222 13.19 15.70 -0.11
CA ILE A 222 14.16 16.76 -0.30
C ILE A 222 14.09 17.67 0.91
N PHE A 223 15.10 17.58 1.77
CA PHE A 223 15.17 18.37 3.01
C PHE A 223 16.08 19.56 2.79
N CYS A 224 15.56 20.75 3.04
CA CYS A 224 16.27 22.00 2.79
C CYS A 224 16.72 22.62 4.11
N VAL A 225 17.98 23.05 4.17
CA VAL A 225 18.55 23.64 5.37
C VAL A 225 19.34 24.88 4.98
N ALA A 226 19.22 25.94 5.78
CA ALA A 226 19.98 27.16 5.56
C ALA A 226 21.20 27.18 6.47
N LEU A 227 22.37 27.43 5.89
CA LEU A 227 23.60 27.43 6.67
C LEU A 227 23.73 28.67 7.54
N SER A 228 23.15 29.79 7.14
CA SER A 228 23.26 31.05 7.89
C SER A 228 22.07 31.23 8.82
N ASP A 229 22.01 30.35 9.82
CA ASP A 229 20.92 30.36 10.80
C ASP A 229 21.39 30.69 12.21
N TYR A 230 22.63 31.17 12.37
CA TYR A 230 23.15 31.44 13.70
C TYR A 230 22.57 32.74 14.27
N ASP A 231 22.27 33.70 13.39
CA ASP A 231 21.91 35.05 13.87
C ASP A 231 20.62 35.01 14.67
N LEU A 232 19.52 34.58 14.07
CA LEU A 232 18.22 34.64 14.70
C LEU A 232 18.00 33.42 15.59
N VAL A 233 17.44 33.65 16.78
CA VAL A 233 17.15 32.60 17.75
C VAL A 233 15.65 32.52 17.95
N LEU A 234 15.10 31.31 17.83
CA LEU A 234 13.67 31.10 18.04
C LEU A 234 13.38 30.89 19.52
N ASN A 241 19.88 28.93 17.15
CA ASN A 241 18.94 27.99 17.75
C ASN A 241 18.21 27.18 16.68
N ARG A 242 18.03 27.78 15.50
CA ARG A 242 17.33 27.08 14.42
C ARG A 242 18.09 25.83 14.00
N MET A 243 19.40 25.79 14.22
CA MET A 243 20.17 24.61 13.84
C MET A 243 19.72 23.38 14.62
N HIS A 244 19.54 23.52 15.93
CA HIS A 244 19.08 22.39 16.73
C HIS A 244 17.67 21.96 16.35
N ALA A 245 16.79 22.93 16.10
CA ALA A 245 15.43 22.59 15.68
C ALA A 245 15.43 21.85 14.34
N SER A 246 16.27 22.30 13.41
CA SER A 246 16.37 21.63 12.11
C SER A 246 16.91 20.22 12.28
N MET A 247 17.92 20.04 13.14
CA MET A 247 18.42 18.70 13.40
C MET A 247 17.34 17.81 13.99
N LYS A 248 16.56 18.34 14.94
CA LYS A 248 15.48 17.55 15.53
C LYS A 248 14.44 17.16 14.49
N LEU A 249 14.06 18.11 13.63
CA LEU A 249 13.09 17.81 12.58
C LEU A 249 13.63 16.75 11.62
N PHE A 250 14.91 16.87 11.23
CA PHE A 250 15.51 15.89 10.34
C PHE A 250 15.55 14.52 10.99
N ASP A 251 15.90 14.46 12.28
CA ASP A 251 15.92 13.19 12.99
C ASP A 251 14.54 12.57 13.04
N SER A 252 13.52 13.37 13.33
CA SER A 252 12.16 12.86 13.39
C SER A 252 11.70 12.34 12.04
N ILE A 253 12.00 13.07 10.97
CA ILE A 253 11.54 12.66 9.64
C ILE A 253 12.29 11.41 9.17
N CYS A 254 13.60 11.38 9.34
CA CYS A 254 14.41 10.27 8.83
C CYS A 254 14.09 8.97 9.55
N ASN A 255 13.89 9.03 10.87
CA ASN A 255 13.64 7.85 11.67
C ASN A 255 12.16 7.48 11.74
N ASN A 256 11.32 8.17 10.98
CA ASN A 256 9.90 7.85 10.95
C ASN A 256 9.68 6.45 10.41
N LYS A 257 8.77 5.72 11.04
CA LYS A 257 8.51 4.34 10.66
C LYS A 257 7.92 4.21 9.26
N TRP A 258 7.38 5.30 8.70
CA TRP A 258 6.74 5.27 7.39
C TRP A 258 7.69 5.59 6.25
N PHE A 259 8.98 5.81 6.53
CA PHE A 259 9.97 6.16 5.52
C PHE A 259 11.20 5.27 5.67
N THR A 260 11.00 3.98 5.85
CA THR A 260 12.11 3.05 5.99
C THR A 260 12.93 2.99 4.70
N ASP A 261 12.26 2.88 3.56
CA ASP A 261 12.92 2.74 2.27
C ASP A 261 12.97 4.04 1.48
N THR A 262 12.57 5.16 2.06
CA THR A 262 12.55 6.44 1.36
C THR A 262 13.92 7.11 1.48
N SER A 263 14.48 7.50 0.35
CA SER A 263 15.76 8.19 0.34
C SER A 263 15.57 9.66 0.66
N ILE A 264 16.65 10.28 1.16
CA ILE A 264 16.64 11.68 1.57
C ILE A 264 17.73 12.40 0.81
N ILE A 265 17.35 13.51 0.16
CA ILE A 265 18.28 14.39 -0.53
C ILE A 265 18.36 15.70 0.25
N LEU A 266 19.57 16.04 0.71
CA LEU A 266 19.77 17.19 1.58
C LEU A 266 20.35 18.35 0.77
N PHE A 267 19.71 19.51 0.86
CA PHE A 267 20.17 20.72 0.19
C PHE A 267 20.55 21.76 1.24
N LEU A 268 21.67 22.43 1.00
CA LEU A 268 22.17 23.48 1.87
C LEU A 268 22.18 24.79 1.10
N ASN A 269 21.61 25.84 1.70
CA ASN A 269 21.43 27.12 1.03
C ASN A 269 22.31 28.20 1.65
N LYS A 270 22.52 29.26 0.87
CA LYS A 270 23.18 30.48 1.35
C LYS A 270 24.58 30.19 1.86
N LYS A 271 25.45 29.74 0.96
CA LYS A 271 26.85 29.54 1.31
C LYS A 271 27.58 30.86 1.48
N ASP A 272 27.25 31.87 0.69
CA ASP A 272 27.93 33.15 0.80
C ASP A 272 27.69 33.78 2.17
N LEU A 273 26.43 33.77 2.62
CA LEU A 273 26.12 34.30 3.95
C LEU A 273 26.83 33.51 5.04
N PHE A 274 26.88 32.17 4.89
CA PHE A 274 27.60 31.35 5.86
C PHE A 274 29.07 31.72 5.91
N GLU A 275 29.69 31.89 4.74
CA GLU A 275 31.11 32.24 4.70
C GLU A 275 31.35 33.60 5.34
N GLU A 276 30.50 34.58 5.04
CA GLU A 276 30.65 35.90 5.63
C GLU A 276 30.49 35.83 7.15
N LYS A 277 29.52 35.05 7.63
CA LYS A 277 29.30 34.96 9.07
C LYS A 277 30.47 34.28 9.77
N ILE A 278 30.98 33.20 9.20
CA ILE A 278 32.13 32.54 9.84
C ILE A 278 33.35 33.47 9.81
N LYS A 279 33.48 34.29 8.76
CA LYS A 279 34.53 35.29 8.76
C LYS A 279 34.34 36.29 9.89
N LYS A 280 33.09 36.72 10.12
CA LYS A 280 32.80 37.72 11.14
C LYS A 280 32.58 37.13 12.52
N SER A 281 32.09 35.90 12.61
CA SER A 281 31.76 35.27 13.87
C SER A 281 32.36 33.88 13.96
N PRO A 282 32.60 33.37 15.16
CA PRO A 282 33.16 32.04 15.31
C PRO A 282 32.07 30.96 15.20
N LEU A 283 32.49 29.71 15.40
CA LEU A 283 31.58 28.57 15.34
C LEU A 283 31.22 28.03 16.72
N THR A 284 31.95 28.44 17.77
CA THR A 284 31.69 27.93 19.11
C THR A 284 30.34 28.37 19.65
N ILE A 285 29.76 29.46 19.11
CA ILE A 285 28.48 29.93 19.61
C ILE A 285 27.39 28.89 19.39
N CYS A 286 27.38 28.25 18.21
CA CYS A 286 26.40 27.23 17.90
C CYS A 286 26.80 25.84 18.36
N TYR A 287 28.08 25.61 18.64
CA TYR A 287 28.61 24.29 18.97
C TYR A 287 29.45 24.37 20.24
N PRO A 288 28.82 24.28 21.42
CA PRO A 288 29.61 24.29 22.66
C PRO A 288 30.60 23.14 22.75
N GLU A 289 30.29 21.98 22.17
CA GLU A 289 31.09 20.78 22.33
C GLU A 289 32.02 20.53 21.13
N TYR A 290 32.31 21.55 20.34
CA TYR A 290 33.21 21.42 19.20
C TYR A 290 34.20 22.56 19.19
N ALA A 291 35.46 22.25 18.89
CA ALA A 291 36.52 23.24 18.77
C ALA A 291 37.38 22.88 17.57
N GLY A 292 37.66 23.85 16.73
CA GLY A 292 38.47 23.60 15.55
C GLY A 292 38.74 24.87 14.78
N SER A 293 39.28 24.70 13.57
CA SER A 293 39.62 25.81 12.73
C SER A 293 38.37 26.46 12.16
N ASN A 294 38.53 27.70 11.68
CA ASN A 294 37.44 28.48 11.10
C ASN A 294 37.41 28.38 9.58
N THR A 295 38.21 27.52 8.99
CA THR A 295 38.21 27.38 7.53
C THR A 295 36.84 26.97 7.03
N TYR A 296 36.43 27.54 5.90
CA TYR A 296 35.10 27.27 5.37
C TYR A 296 34.93 25.80 5.03
N GLU A 297 35.93 25.21 4.37
CA GLU A 297 35.81 23.82 3.95
C GLU A 297 35.68 22.88 5.14
N GLU A 298 36.49 23.10 6.19
CA GLU A 298 36.42 22.23 7.35
C GLU A 298 35.07 22.34 8.05
N ALA A 299 34.55 23.57 8.20
CA ALA A 299 33.25 23.75 8.83
C ALA A 299 32.15 23.08 8.01
N ALA A 300 32.19 23.25 6.69
CA ALA A 300 31.19 22.63 5.84
C ALA A 300 31.24 21.11 5.94
N ALA A 301 32.44 20.54 5.95
CA ALA A 301 32.58 19.09 6.09
C ALA A 301 32.06 18.62 7.44
N TYR A 302 32.35 19.36 8.51
CA TYR A 302 31.86 18.99 9.82
C TYR A 302 30.34 19.01 9.87
N ILE A 303 29.73 20.04 9.30
CA ILE A 303 28.27 20.12 9.27
C ILE A 303 27.68 18.98 8.44
N GLN A 304 28.34 18.69 7.31
CA GLN A 304 27.89 17.60 6.40
C GLN A 304 27.89 16.27 7.16
N CYS A 305 29.00 15.97 7.86
CA CYS A 305 29.12 14.73 8.61
C CYS A 305 28.11 14.68 9.76
N GLN A 306 27.92 15.81 10.44
CA GLN A 306 26.96 15.85 11.54
C GLN A 306 25.55 15.55 11.04
N PHE A 307 25.15 16.17 9.93
CA PHE A 307 23.82 15.94 9.38
C PHE A 307 23.64 14.49 8.97
N GLU A 308 24.65 13.90 8.33
CA GLU A 308 24.54 12.50 7.94
C GLU A 308 24.67 11.55 9.12
N ASP A 309 25.12 12.03 10.28
CA ASP A 309 25.24 11.20 11.47
C ASP A 309 23.92 10.96 12.17
N LEU A 310 22.91 11.81 11.93
CA LEU A 310 21.66 11.70 12.66
C LEU A 310 20.95 10.38 12.39
N ASN A 311 20.95 9.93 11.14
CA ASN A 311 20.19 8.74 10.79
C ASN A 311 20.65 7.53 11.60
N LYS A 312 19.68 6.71 12.01
CA LYS A 312 19.99 5.50 12.77
C LYS A 312 20.26 4.33 11.84
N ARG A 313 19.46 4.17 10.80
CA ARG A 313 19.61 3.09 9.83
C ARG A 313 20.38 3.60 8.63
N LYS A 314 21.42 2.86 8.23
CA LYS A 314 22.27 3.25 7.11
C LYS A 314 22.28 2.25 5.97
N ASP A 315 21.87 1.00 6.20
CA ASP A 315 21.87 0.01 5.13
C ASP A 315 20.71 0.20 4.17
N THR A 316 19.55 0.65 4.66
CA THR A 316 18.38 0.77 3.81
C THR A 316 18.40 2.07 3.00
N LYS A 317 18.58 3.20 3.67
CA LYS A 317 18.54 4.52 3.03
C LYS A 317 19.92 5.15 3.03
N GLU A 318 20.21 5.89 1.95
CA GLU A 318 21.45 6.64 1.82
C GLU A 318 21.11 8.10 1.60
N ILE A 319 21.77 8.98 2.34
CA ILE A 319 21.50 10.41 2.30
C ILE A 319 22.39 11.05 1.26
N TYR A 320 21.79 11.76 0.30
CA TYR A 320 22.51 12.49 -0.73
C TYR A 320 22.49 13.98 -0.35
N THR A 321 23.67 14.54 -0.13
CA THR A 321 23.81 15.93 0.26
C THR A 321 24.47 16.73 -0.86
N HIS A 322 23.91 17.90 -1.16
CA HIS A 322 24.44 18.77 -2.19
C HIS A 322 24.37 20.21 -1.71
N PHE A 323 25.25 21.05 -2.24
CA PHE A 323 25.32 22.46 -1.90
C PHE A 323 24.58 23.26 -2.97
N THR A 324 23.55 23.98 -2.55
CA THR A 324 22.77 24.81 -3.47
C THR A 324 23.53 26.10 -3.77
N CYS A 325 23.58 26.45 -5.05
CA CYS A 325 24.30 27.64 -5.51
C CYS A 325 23.37 28.47 -6.39
N SER A 326 23.87 29.63 -6.83
CA SER A 326 23.08 30.51 -7.69
C SER A 326 22.76 29.89 -9.04
N THR A 327 23.48 28.86 -9.46
CA THR A 327 23.19 28.20 -10.72
C THR A 327 21.87 27.45 -10.64
N ASP A 328 21.30 27.17 -11.81
CA ASP A 328 20.01 26.51 -11.92
C ASP A 328 20.09 25.08 -12.42
N THR A 329 20.96 24.81 -13.40
CA THR A 329 21.02 23.47 -13.98
C THR A 329 21.60 22.45 -13.02
N LYS A 330 22.54 22.86 -12.16
CA LYS A 330 23.22 21.91 -11.29
C LYS A 330 22.24 21.26 -10.31
N ASN A 331 21.33 22.05 -9.74
CA ASN A 331 20.38 21.49 -8.78
C ASN A 331 19.49 20.44 -9.43
N VAL A 332 18.95 20.75 -10.60
CA VAL A 332 18.08 19.80 -11.29
C VAL A 332 18.87 18.56 -11.69
N GLN A 333 20.11 18.75 -12.14
CA GLN A 333 20.93 17.61 -12.51
C GLN A 333 21.19 16.70 -11.32
N PHE A 334 21.51 17.29 -10.17
CA PHE A 334 21.75 16.49 -8.97
C PHE A 334 20.48 15.75 -8.55
N VAL A 335 19.33 16.43 -8.62
CA VAL A 335 18.08 15.76 -8.25
C VAL A 335 17.83 14.57 -9.17
N PHE A 336 18.04 14.78 -10.47
CA PHE A 336 17.83 13.69 -11.44
C PHE A 336 18.78 12.53 -11.17
N ASP A 337 20.06 12.84 -10.90
CA ASP A 337 21.02 11.77 -10.63
C ASP A 337 20.65 11.02 -9.36
N ALA A 338 20.23 11.73 -8.32
CA ALA A 338 19.83 11.05 -7.09
C ALA A 338 18.62 10.16 -7.33
N VAL A 339 17.63 10.64 -8.07
CA VAL A 339 16.45 9.82 -8.35
C VAL A 339 16.83 8.59 -9.15
N THR A 340 17.69 8.76 -10.16
CA THR A 340 18.12 7.62 -10.96
C THR A 340 18.88 6.61 -10.13
N ASP A 341 19.77 7.08 -9.25
CA ASP A 341 20.52 6.16 -8.39
C ASP A 341 19.58 5.41 -7.46
N VAL A 342 18.59 6.10 -6.90
CA VAL A 342 17.64 5.44 -6.01
C VAL A 342 16.85 4.38 -6.76
N ILE A 343 16.40 4.71 -7.97
CA ILE A 343 15.63 3.75 -8.75
C ILE A 343 16.47 2.53 -9.10
N ILE A 344 17.73 2.76 -9.52
CA ILE A 344 18.61 1.65 -9.88
C ILE A 344 18.87 0.77 -8.66
N LYS A 345 19.13 1.38 -7.50
CA LYS A 345 19.38 0.60 -6.30
C LYS A 345 18.15 -0.20 -5.90
N ASN A 346 16.95 0.39 -6.01
CA ASN A 346 15.74 -0.34 -5.70
C ASN A 346 15.55 -1.53 -6.65
N ASN A 347 15.81 -1.32 -7.94
CA ASN A 347 15.69 -2.42 -8.90
C ASN A 347 16.69 -3.52 -8.59
N LEU A 348 17.92 -3.15 -8.24
CA LEU A 348 18.93 -4.15 -7.89
C LEU A 348 18.53 -4.93 -6.65
N LYS A 349 18.00 -4.24 -5.64
CA LYS A 349 17.53 -4.91 -4.44
C LYS A 349 16.40 -5.88 -4.76
N ASP A 350 15.48 -5.46 -5.65
CA ASP A 350 14.43 -6.37 -6.09
C ASP A 350 15.03 -7.60 -6.76
N CYS A 351 16.05 -7.40 -7.60
CA CYS A 351 16.76 -8.52 -8.20
C CYS A 351 17.60 -9.27 -7.18
N GLY A 352 17.88 -8.67 -6.03
CA GLY A 352 18.65 -9.31 -4.98
C GLY A 352 20.14 -9.09 -5.03
N LEU A 353 20.66 -8.47 -6.10
CA LEU A 353 22.10 -8.23 -6.18
C LEU A 353 22.56 -7.25 -5.12
N PHE A 354 21.79 -6.17 -4.91
CA PHE A 354 22.17 -5.14 -3.94
C PHE A 354 21.53 -5.42 -2.58
N GLN B 18 -11.90 25.49 40.23
CA GLN B 18 -13.02 25.36 41.19
C GLN B 18 -14.25 24.77 40.50
N LEU B 19 -14.63 25.38 39.37
CA LEU B 19 -15.78 24.87 38.62
C LEU B 19 -15.52 23.46 38.10
N LYS B 20 -14.30 23.21 37.62
CA LYS B 20 -13.95 21.85 37.20
C LYS B 20 -14.02 20.87 38.36
N ASN B 21 -13.56 21.29 39.54
CA ASN B 21 -13.67 20.44 40.72
C ASN B 21 -15.13 20.18 41.07
N GLN B 22 -15.98 21.21 40.94
CA GLN B 22 -17.41 21.02 41.21
C GLN B 22 -18.01 20.02 40.24
N ILE B 23 -17.65 20.11 38.96
CA ILE B 23 -18.16 19.17 37.96
C ILE B 23 -17.67 17.76 38.28
N ARG B 24 -16.41 17.62 38.67
CA ARG B 24 -15.89 16.31 39.04
C ARG B 24 -16.65 15.73 40.23
N ASP B 25 -16.92 16.55 41.23
CA ASP B 25 -17.69 16.09 42.38
C ASP B 25 -19.09 15.68 41.98
N ALA B 26 -19.73 16.47 41.11
CA ALA B 26 -21.08 16.15 40.68
C ALA B 26 -21.12 14.82 39.92
N ARG B 27 -20.14 14.60 39.02
CA ARG B 27 -20.14 13.36 38.25
C ARG B 27 -19.81 12.15 39.12
N LYS B 28 -18.89 12.30 40.08
CA LYS B 28 -18.53 11.16 40.92
C LYS B 28 -19.64 10.83 41.91
N ALA B 29 -20.34 11.84 42.43
CA ALA B 29 -21.41 11.58 43.39
C ALA B 29 -22.56 10.82 42.75
N CYS B 30 -22.92 11.16 41.52
CA CYS B 30 -24.05 10.52 40.85
C CYS B 30 -23.77 9.09 40.44
N ALA B 31 -22.52 8.63 40.52
CA ALA B 31 -22.14 7.29 40.08
C ALA B 31 -22.17 6.35 41.28
N ASP B 32 -23.02 5.33 41.21
CA ASP B 32 -23.10 4.29 42.22
C ASP B 32 -22.95 2.90 41.64
N ALA B 33 -23.45 2.66 40.44
CA ALA B 33 -23.32 1.37 39.79
C ALA B 33 -23.12 1.60 38.30
N THR B 34 -22.51 0.61 37.66
CA THR B 34 -22.20 0.68 36.24
C THR B 34 -23.18 -0.16 35.42
N LEU B 35 -23.16 0.04 34.10
CA LEU B 35 -24.02 -0.72 33.21
C LEU B 35 -23.72 -2.21 33.26
N SER B 36 -22.52 -2.59 33.71
CA SER B 36 -22.18 -4.01 33.78
C SER B 36 -23.10 -4.77 34.72
N GLN B 37 -23.38 -4.18 35.89
CA GLN B 37 -24.23 -4.86 36.87
C GLN B 37 -25.63 -5.10 36.33
N ILE B 38 -26.21 -4.10 35.66
CA ILE B 38 -27.56 -4.25 35.14
C ILE B 38 -27.58 -5.27 34.00
N THR B 39 -26.49 -5.39 33.25
CA THR B 39 -26.39 -6.31 32.13
C THR B 39 -25.98 -7.72 32.56
N ASN B 40 -25.76 -7.95 33.86
CA ASN B 40 -25.33 -9.26 34.32
C ASN B 40 -26.38 -10.33 34.00
N ASN B 41 -27.66 -10.02 34.19
CA ASN B 41 -28.71 -10.98 33.94
C ASN B 41 -28.98 -11.19 32.45
N ILE B 42 -28.40 -10.37 31.57
CA ILE B 42 -28.64 -10.47 30.14
C ILE B 42 -27.72 -11.51 29.56
N ASP B 43 -28.29 -12.45 28.80
CA ASP B 43 -27.50 -13.50 28.19
C ASP B 43 -26.63 -12.93 27.06
N PRO B 44 -25.51 -13.57 26.76
CA PRO B 44 -24.64 -13.06 25.70
C PRO B 44 -25.28 -13.20 24.33
N VAL B 45 -24.84 -12.33 23.41
CA VAL B 45 -25.35 -12.34 22.04
C VAL B 45 -24.81 -13.50 21.22
N GLY B 46 -23.89 -14.29 21.78
CA GLY B 46 -23.31 -15.40 21.04
C GLY B 46 -22.28 -14.95 20.04
N ARG B 47 -21.89 -15.89 19.18
CA ARG B 47 -20.89 -15.64 18.15
C ARG B 47 -21.59 -15.21 16.87
N ILE B 48 -21.41 -13.94 16.49
CA ILE B 48 -21.98 -13.41 15.26
C ILE B 48 -20.95 -13.61 14.15
N GLN B 49 -21.16 -14.63 13.34
CA GLN B 49 -20.26 -14.95 12.24
C GLN B 49 -20.77 -14.32 10.95
N MET B 50 -19.92 -13.54 10.31
CA MET B 50 -20.26 -12.85 9.06
C MET B 50 -19.18 -13.14 8.03
N ARG B 51 -19.60 -13.16 6.76
CA ARG B 51 -18.70 -13.43 5.64
C ARG B 51 -18.84 -12.32 4.61
N THR B 52 -17.75 -12.07 3.89
CA THR B 52 -17.73 -11.04 2.87
C THR B 52 -18.60 -11.49 1.70
N ARG B 53 -19.81 -10.93 1.61
CA ARG B 53 -20.72 -11.32 0.53
C ARG B 53 -20.26 -10.78 -0.82
N ARG B 54 -19.78 -9.54 -0.85
CA ARG B 54 -19.31 -8.92 -2.08
C ARG B 54 -17.96 -8.26 -1.85
N THR B 55 -17.19 -8.17 -2.92
CA THR B 55 -15.88 -7.52 -2.87
C THR B 55 -15.81 -6.50 -3.99
N LEU B 56 -15.43 -5.26 -3.65
CA LEU B 56 -15.36 -4.16 -4.61
C LEU B 56 -13.89 -3.77 -4.76
N ARG B 57 -13.34 -3.99 -5.96
CA ARG B 57 -11.95 -3.66 -6.27
C ARG B 57 -11.96 -2.70 -7.48
N GLY B 58 -12.04 -1.41 -7.18
CA GLY B 58 -12.06 -0.40 -8.23
C GLY B 58 -10.95 0.62 -8.10
N HIS B 59 -10.45 0.81 -6.88
CA HIS B 59 -9.40 1.78 -6.63
C HIS B 59 -8.03 1.16 -6.87
N LEU B 60 -7.03 2.03 -7.02
CA LEU B 60 -5.65 1.62 -7.21
C LEU B 60 -4.73 2.13 -6.11
N ALA B 61 -5.26 2.83 -5.11
CA ALA B 61 -4.47 3.35 -4.00
C ALA B 61 -5.29 3.24 -2.73
N LYS B 62 -4.78 3.82 -1.65
CA LYS B 62 -5.47 3.75 -0.36
C LYS B 62 -6.77 4.55 -0.42
N ILE B 63 -7.78 4.02 0.26
CA ILE B 63 -9.08 4.68 0.40
C ILE B 63 -9.19 5.19 1.83
N TYR B 64 -9.57 6.46 1.98
CA TYR B 64 -9.58 7.08 3.30
C TYR B 64 -10.97 7.36 3.87
N ALA B 65 -12.04 7.21 3.09
CA ALA B 65 -13.36 7.49 3.62
C ALA B 65 -14.40 6.74 2.83
N MET B 66 -15.56 6.55 3.46
CA MET B 66 -16.71 5.91 2.83
C MET B 66 -17.96 6.30 3.60
N HIS B 67 -19.04 6.54 2.86
CA HIS B 67 -20.30 6.94 3.47
C HIS B 67 -21.44 6.23 2.75
N TRP B 68 -22.41 5.75 3.54
CA TRP B 68 -23.57 5.06 3.00
C TRP B 68 -24.70 6.04 2.70
N GLY B 69 -25.48 5.73 1.68
CA GLY B 69 -26.64 6.52 1.36
C GLY B 69 -27.82 6.21 2.26
N THR B 70 -28.86 7.03 2.14
CA THR B 70 -30.07 6.83 2.94
C THR B 70 -30.88 5.63 2.47
N ASP B 71 -30.73 5.23 1.21
CA ASP B 71 -31.43 4.07 0.66
C ASP B 71 -30.64 2.77 0.81
N SER B 72 -29.46 2.82 1.41
CA SER B 72 -28.63 1.63 1.59
C SER B 72 -28.28 0.97 0.26
N ARG B 73 -28.20 1.77 -0.81
CA ARG B 73 -27.89 1.27 -2.14
C ARG B 73 -26.59 1.85 -2.68
N LEU B 74 -26.41 3.16 -2.65
CA LEU B 74 -25.24 3.82 -3.22
C LEU B 74 -24.32 4.29 -2.10
N LEU B 75 -23.03 3.97 -2.23
CA LEU B 75 -22.02 4.40 -1.29
C LEU B 75 -20.84 4.99 -2.06
N VAL B 76 -20.24 6.04 -1.51
CA VAL B 76 -19.17 6.78 -2.16
C VAL B 76 -17.90 6.58 -1.35
N SER B 77 -16.80 6.27 -2.04
CA SER B 77 -15.50 6.08 -1.41
C SER B 77 -14.45 6.90 -2.15
N ALA B 78 -13.54 7.52 -1.39
CA ALA B 78 -12.52 8.40 -1.94
C ALA B 78 -11.14 7.82 -1.66
N SER B 79 -10.28 7.82 -2.69
CA SER B 79 -8.94 7.26 -2.62
C SER B 79 -7.90 8.36 -2.79
N GLN B 80 -6.63 7.96 -2.76
CA GLN B 80 -5.51 8.89 -2.85
C GLN B 80 -5.04 9.12 -4.27
N ASP B 81 -5.60 8.41 -5.26
CA ASP B 81 -5.28 8.66 -6.66
C ASP B 81 -6.14 9.78 -7.24
N GLY B 82 -6.78 10.59 -6.40
CA GLY B 82 -7.62 11.67 -6.88
C GLY B 82 -8.98 11.23 -7.38
N LYS B 83 -9.45 10.04 -7.00
CA LYS B 83 -10.69 9.48 -7.52
C LYS B 83 -11.64 9.15 -6.38
N LEU B 84 -12.90 9.55 -6.55
CA LEU B 84 -13.98 9.11 -5.69
C LEU B 84 -15.02 8.40 -6.56
N ILE B 85 -15.47 7.24 -6.08
CA ILE B 85 -16.34 6.35 -6.85
C ILE B 85 -17.60 6.08 -6.04
N ILE B 86 -18.74 6.13 -6.71
CA ILE B 86 -20.04 5.81 -6.14
C ILE B 86 -20.45 4.47 -6.72
N TRP B 87 -20.65 3.47 -5.85
CA TRP B 87 -20.97 2.12 -6.30
C TRP B 87 -22.41 1.76 -5.99
N ASP B 88 -22.94 0.81 -6.76
CA ASP B 88 -24.22 0.19 -6.48
C ASP B 88 -23.96 -1.05 -5.63
N SER B 89 -24.38 -1.00 -4.36
CA SER B 89 -24.06 -2.07 -3.42
C SER B 89 -24.75 -3.38 -3.76
N TYR B 90 -25.73 -3.38 -4.67
CA TYR B 90 -26.44 -4.61 -5.01
C TYR B 90 -25.70 -5.41 -6.08
N THR B 91 -25.44 -4.81 -7.24
CA THR B 91 -24.78 -5.49 -8.34
C THR B 91 -23.29 -5.17 -8.43
N THR B 92 -22.74 -4.43 -7.48
CA THR B 92 -21.32 -4.07 -7.48
C THR B 92 -20.93 -3.38 -8.79
N ASN B 93 -21.79 -2.50 -9.28
CA ASN B 93 -21.57 -1.79 -10.52
C ASN B 93 -21.15 -0.35 -10.23
N LYS B 94 -20.37 0.22 -11.15
CA LYS B 94 -19.90 1.59 -11.05
C LYS B 94 -20.85 2.51 -11.82
N VAL B 95 -21.33 3.54 -11.14
CA VAL B 95 -22.24 4.50 -11.76
C VAL B 95 -21.67 5.90 -11.85
N HIS B 96 -20.70 6.26 -11.01
CA HIS B 96 -20.11 7.59 -11.04
C HIS B 96 -18.68 7.51 -10.52
N ALA B 97 -17.77 8.18 -11.23
CA ALA B 97 -16.37 8.27 -10.82
C ALA B 97 -15.90 9.69 -11.12
N ILE B 98 -15.71 10.49 -10.06
CA ILE B 98 -15.47 11.92 -10.20
C ILE B 98 -13.97 12.16 -10.05
N PRO B 99 -13.26 12.60 -11.09
CA PRO B 99 -11.86 13.00 -10.90
C PRO B 99 -11.76 14.26 -10.06
N LEU B 100 -10.62 14.43 -9.41
CA LEU B 100 -10.41 15.52 -8.47
C LEU B 100 -9.14 16.29 -8.80
N ARG B 101 -9.18 17.58 -8.53
CA ARG B 101 -8.01 18.43 -8.76
C ARG B 101 -6.89 18.12 -7.79
N SER B 102 -7.22 17.73 -6.56
CA SER B 102 -6.23 17.39 -5.54
C SER B 102 -6.27 15.89 -5.29
N SER B 103 -5.12 15.25 -5.38
CA SER B 103 -5.02 13.81 -5.19
C SER B 103 -5.10 13.39 -3.73
N TRP B 104 -4.94 14.32 -2.80
CA TRP B 104 -4.97 14.01 -1.37
C TRP B 104 -6.38 14.28 -0.86
N VAL B 105 -7.09 13.20 -0.51
CA VAL B 105 -8.45 13.27 0.02
C VAL B 105 -8.47 12.55 1.36
N MET B 106 -9.00 13.22 2.38
CA MET B 106 -9.03 12.68 3.73
C MET B 106 -10.43 12.26 4.17
N THR B 107 -11.49 12.80 3.57
CA THR B 107 -12.84 12.50 4.02
C THR B 107 -13.80 12.67 2.84
N CYS B 108 -14.92 11.95 2.94
CA CYS B 108 -15.99 12.05 1.96
C CYS B 108 -17.32 11.94 2.69
N ALA B 109 -18.36 12.52 2.08
CA ALA B 109 -19.69 12.54 2.66
C ALA B 109 -20.72 12.55 1.54
N TYR B 110 -21.85 11.90 1.80
CA TYR B 110 -22.92 11.73 0.83
C TYR B 110 -24.18 12.40 1.33
N ALA B 111 -24.93 13.02 0.41
CA ALA B 111 -26.11 13.76 0.79
C ALA B 111 -27.24 12.82 1.19
N PRO B 112 -28.06 13.18 2.18
CA PRO B 112 -29.24 12.36 2.49
C PRO B 112 -30.18 12.21 1.31
N SER B 113 -30.32 13.25 0.49
CA SER B 113 -31.18 13.22 -0.69
C SER B 113 -30.47 12.63 -1.91
N GLY B 114 -29.20 12.27 -1.80
CA GLY B 114 -28.48 11.71 -2.92
C GLY B 114 -28.29 12.67 -4.08
N ASN B 115 -27.95 13.92 -3.79
CA ASN B 115 -27.74 14.94 -4.81
C ASN B 115 -26.33 15.51 -4.82
N TYR B 116 -25.72 15.69 -3.65
CA TYR B 116 -24.39 16.27 -3.53
C TYR B 116 -23.45 15.31 -2.82
N VAL B 117 -22.18 15.34 -3.23
CA VAL B 117 -21.13 14.55 -2.59
C VAL B 117 -19.97 15.48 -2.27
N ALA B 118 -19.51 15.45 -1.02
CA ALA B 118 -18.41 16.30 -0.57
C ALA B 118 -17.17 15.44 -0.38
N CYS B 119 -16.02 15.95 -0.79
CA CYS B 119 -14.75 15.27 -0.56
C CYS B 119 -13.66 16.29 -0.28
N GLY B 120 -12.86 16.02 0.75
CA GLY B 120 -11.82 16.94 1.16
C GLY B 120 -10.58 16.21 1.62
N GLY B 121 -9.49 16.96 1.71
CA GLY B 121 -8.22 16.39 2.12
C GLY B 121 -7.24 17.41 2.67
N LEU B 122 -5.96 17.27 2.32
CA LEU B 122 -4.93 18.15 2.87
C LEU B 122 -5.19 19.60 2.48
N ASP B 123 -5.59 19.84 1.23
CA ASP B 123 -5.94 21.18 0.82
C ASP B 123 -7.07 21.72 1.68
N ASN B 124 -7.08 23.04 1.88
CA ASN B 124 -8.03 23.66 2.79
C ASN B 124 -9.38 23.84 2.11
N ILE B 125 -9.89 22.78 1.49
CA ILE B 125 -11.17 22.81 0.80
C ILE B 125 -11.67 21.38 0.69
N CYS B 126 -12.95 21.17 1.00
CA CYS B 126 -13.63 19.92 0.67
C CYS B 126 -14.72 20.29 -0.34
N SER B 127 -14.46 19.94 -1.60
CA SER B 127 -15.34 20.35 -2.67
C SER B 127 -16.64 19.56 -2.66
N ILE B 128 -17.72 20.24 -3.02
CA ILE B 128 -19.04 19.64 -3.13
C ILE B 128 -19.38 19.54 -4.61
N TYR B 129 -19.69 18.33 -5.07
CA TYR B 129 -20.01 18.03 -6.45
C TYR B 129 -21.47 17.62 -6.56
N ASN B 130 -22.12 18.04 -7.64
CA ASN B 130 -23.51 17.72 -7.90
C ASN B 130 -23.61 16.51 -8.80
N LEU B 131 -24.46 15.55 -8.43
CA LEU B 131 -24.62 14.32 -9.20
C LEU B 131 -25.71 14.45 -10.26
N LYS B 132 -26.89 14.91 -9.87
CA LYS B 132 -28.03 14.99 -10.78
C LYS B 132 -27.97 16.32 -11.52
N THR B 133 -27.75 16.27 -12.82
CA THR B 133 -27.70 17.45 -13.67
C THR B 133 -28.41 17.17 -14.98
N ARG B 134 -28.88 18.23 -15.63
CA ARG B 134 -29.57 18.07 -16.90
C ARG B 134 -28.67 17.46 -17.96
N GLU B 135 -27.41 17.93 -18.03
CA GLU B 135 -26.48 17.39 -19.02
C GLU B 135 -26.10 15.96 -18.72
N GLY B 136 -26.21 15.54 -17.46
CA GLY B 136 -25.90 14.17 -17.09
C GLY B 136 -24.45 13.90 -16.79
N ASN B 137 -23.65 14.93 -16.52
CA ASN B 137 -22.24 14.78 -16.24
C ASN B 137 -21.90 15.47 -14.93
N VAL B 138 -20.97 14.88 -14.17
CA VAL B 138 -20.57 15.45 -12.89
C VAL B 138 -19.80 16.74 -13.12
N ARG B 139 -20.14 17.77 -12.35
CA ARG B 139 -19.49 19.06 -12.46
C ARG B 139 -19.31 19.65 -11.06
N VAL B 140 -18.34 20.55 -10.95
CA VAL B 140 -18.07 21.20 -9.66
C VAL B 140 -19.26 22.07 -9.29
N SER B 141 -19.73 21.92 -8.05
CA SER B 141 -20.86 22.70 -7.54
C SER B 141 -20.43 23.78 -6.58
N ARG B 142 -19.58 23.46 -5.59
CA ARG B 142 -19.14 24.45 -4.61
C ARG B 142 -17.74 24.10 -4.14
N GLU B 143 -16.96 25.14 -3.81
CA GLU B 143 -15.59 25.01 -3.32
C GLU B 143 -15.45 25.94 -2.11
N LEU B 144 -15.72 25.41 -0.92
CA LEU B 144 -15.63 26.19 0.30
C LEU B 144 -14.17 26.32 0.73
N ALA B 145 -13.66 27.54 0.80
CA ALA B 145 -12.26 27.82 1.14
C ALA B 145 -12.24 28.93 2.19
N GLY B 146 -12.25 28.54 3.47
CA GLY B 146 -12.17 29.49 4.55
C GLY B 146 -11.26 29.05 5.68
N HIS B 147 -10.72 27.85 5.59
CA HIS B 147 -9.89 27.27 6.64
C HIS B 147 -8.41 27.38 6.27
N THR B 148 -7.57 27.25 7.30
CA THR B 148 -6.12 27.27 7.13
C THR B 148 -5.46 25.93 7.44
N GLY B 149 -6.14 25.03 8.13
CA GLY B 149 -5.61 23.72 8.42
C GLY B 149 -6.28 22.64 7.59
N TYR B 150 -5.63 21.48 7.45
CA TYR B 150 -6.19 20.42 6.63
C TYR B 150 -7.57 20.03 7.12
N LEU B 151 -8.52 19.93 6.20
CA LEU B 151 -9.89 19.57 6.56
C LEU B 151 -9.95 18.10 6.94
N SER B 152 -10.60 17.82 8.08
CA SER B 152 -10.68 16.46 8.61
C SER B 152 -11.97 15.76 8.20
N CYS B 153 -13.12 16.40 8.33
CA CYS B 153 -14.38 15.76 7.97
C CYS B 153 -15.46 16.83 7.79
N CYS B 154 -16.03 16.91 6.59
CA CYS B 154 -17.17 17.79 6.35
C CYS B 154 -18.40 16.93 6.08
N ARG B 155 -19.48 17.20 6.82
CA ARG B 155 -20.68 16.39 6.81
C ARG B 155 -21.89 17.22 6.40
N PHE B 156 -22.80 16.58 5.67
CA PHE B 156 -24.02 17.22 5.21
C PHE B 156 -25.12 17.11 6.25
N LEU B 157 -25.83 18.22 6.48
CA LEU B 157 -27.03 18.22 7.31
C LEU B 157 -28.29 18.22 6.44
N ASP B 158 -28.43 19.20 5.56
CA ASP B 158 -29.57 19.32 4.67
C ASP B 158 -29.06 19.74 3.30
N ASP B 159 -29.98 20.13 2.43
CA ASP B 159 -29.63 20.56 1.08
C ASP B 159 -28.97 21.93 1.05
N ASN B 160 -28.95 22.67 2.16
CA ASN B 160 -28.44 24.03 2.18
C ASN B 160 -27.39 24.30 3.25
N GLN B 161 -27.05 23.32 4.08
CA GLN B 161 -26.08 23.52 5.15
C GLN B 161 -25.07 22.39 5.17
N ILE B 162 -23.88 22.69 5.66
CA ILE B 162 -22.82 21.69 5.83
C ILE B 162 -21.98 22.09 7.02
N VAL B 163 -21.39 21.09 7.69
CA VAL B 163 -20.47 21.34 8.78
C VAL B 163 -19.09 20.86 8.34
N THR B 164 -18.06 21.53 8.85
CA THR B 164 -16.68 21.19 8.51
C THR B 164 -15.84 21.16 9.77
N SER B 165 -15.12 20.07 9.97
CA SER B 165 -14.16 19.90 11.06
C SER B 165 -12.77 19.86 10.44
N SER B 166 -11.96 20.87 10.73
CA SER B 166 -10.68 21.09 10.08
C SER B 166 -9.53 20.91 11.07
N GLY B 167 -8.32 21.13 10.58
CA GLY B 167 -7.11 21.06 11.38
C GLY B 167 -6.76 22.32 12.11
N ASP B 168 -7.59 23.36 12.03
CA ASP B 168 -7.34 24.63 12.70
C ASP B 168 -7.95 24.68 14.10
N THR B 169 -8.50 23.57 14.58
CA THR B 169 -9.13 23.50 15.90
C THR B 169 -10.45 24.23 15.95
N THR B 170 -11.12 24.36 14.81
CA THR B 170 -12.41 25.05 14.72
C THR B 170 -13.36 24.24 13.87
N CYS B 171 -14.66 24.36 14.17
CA CYS B 171 -15.71 23.72 13.39
C CYS B 171 -16.57 24.80 12.77
N ALA B 172 -16.73 24.76 11.45
CA ALA B 172 -17.38 25.84 10.71
C ALA B 172 -18.67 25.34 10.06
N LEU B 173 -19.73 26.13 10.21
CA LEU B 173 -21.00 25.86 9.55
C LEU B 173 -21.07 26.70 8.28
N TRP B 174 -21.17 26.04 7.13
CA TRP B 174 -21.12 26.69 5.83
C TRP B 174 -22.46 26.54 5.12
N ASP B 175 -22.85 27.60 4.42
CA ASP B 175 -24.03 27.59 3.56
C ASP B 175 -23.57 27.36 2.13
N ILE B 176 -24.07 26.29 1.51
CA ILE B 176 -23.61 25.93 0.17
C ILE B 176 -23.97 27.01 -0.83
N GLU B 177 -25.21 27.53 -0.76
CA GLU B 177 -25.66 28.52 -1.74
C GLU B 177 -24.81 29.78 -1.68
N THR B 178 -24.68 30.37 -0.48
CA THR B 178 -23.91 31.61 -0.34
C THR B 178 -22.41 31.35 -0.38
N GLY B 179 -21.97 30.26 0.24
CA GLY B 179 -20.57 29.90 0.28
C GLY B 179 -19.80 30.42 1.46
N GLN B 180 -20.41 31.28 2.28
CA GLN B 180 -19.75 31.84 3.45
C GLN B 180 -20.17 31.09 4.71
N GLN B 181 -19.27 31.05 5.68
CA GLN B 181 -19.53 30.37 6.94
C GLN B 181 -20.45 31.22 7.81
N THR B 182 -21.48 30.59 8.37
CA THR B 182 -22.44 31.30 9.20
C THR B 182 -22.10 31.24 10.68
N THR B 183 -21.51 30.14 11.15
CA THR B 183 -21.16 29.98 12.56
C THR B 183 -19.80 29.33 12.68
N THR B 184 -19.06 29.69 13.73
CA THR B 184 -17.74 29.14 14.00
C THR B 184 -17.68 28.67 15.45
N PHE B 185 -17.05 27.52 15.66
CA PHE B 185 -16.88 26.93 16.98
C PHE B 185 -15.39 26.78 17.26
N THR B 186 -14.96 27.32 18.40
CA THR B 186 -13.56 27.27 18.80
C THR B 186 -13.48 26.96 20.29
N GLY B 187 -12.31 26.51 20.71
CA GLY B 187 -12.08 26.15 22.10
C GLY B 187 -11.19 24.94 22.27
N HIS B 188 -10.87 24.27 21.16
CA HIS B 188 -9.99 23.11 21.18
C HIS B 188 -8.54 23.54 21.03
N THR B 189 -7.66 22.89 21.78
CA THR B 189 -6.23 23.15 21.68
C THR B 189 -5.62 22.39 20.50
N GLY B 190 -5.98 21.12 20.33
CA GLY B 190 -5.51 20.35 19.21
C GLY B 190 -6.49 20.31 18.07
N ASP B 191 -6.01 19.86 16.91
CA ASP B 191 -6.84 19.78 15.72
C ASP B 191 -7.95 18.75 15.92
N VAL B 192 -9.15 19.11 15.48
CA VAL B 192 -10.29 18.20 15.54
C VAL B 192 -10.19 17.20 14.40
N MET B 193 -10.53 15.94 14.69
CA MET B 193 -10.33 14.84 13.74
C MET B 193 -11.65 14.33 13.17
N SER B 194 -12.58 13.92 14.02
CA SER B 194 -13.81 13.28 13.58
C SER B 194 -15.02 14.12 13.98
N LEU B 195 -16.09 13.97 13.20
CA LEU B 195 -17.34 14.68 13.46
C LEU B 195 -18.48 13.82 12.96
N SER B 196 -19.51 13.67 13.79
CA SER B 196 -20.71 12.92 13.44
C SER B 196 -21.93 13.78 13.74
N LEU B 197 -22.99 13.57 12.98
CA LEU B 197 -24.23 14.32 13.16
C LEU B 197 -25.30 13.45 13.81
N ALA B 198 -26.06 14.05 14.72
CA ALA B 198 -27.12 13.33 15.39
C ALA B 198 -28.29 13.10 14.43
N PRO B 199 -29.15 12.12 14.73
CA PRO B 199 -30.28 11.85 13.82
C PRO B 199 -31.17 13.07 13.61
N ASP B 200 -31.38 13.88 14.65
CA ASP B 200 -32.24 15.05 14.53
C ASP B 200 -31.55 16.23 13.85
N THR B 201 -30.25 16.16 13.61
CA THR B 201 -29.52 17.24 12.95
C THR B 201 -29.67 18.55 13.70
N ARG B 202 -29.66 18.48 15.03
CA ARG B 202 -29.73 19.66 15.88
C ARG B 202 -28.49 19.89 16.72
N LEU B 203 -27.68 18.86 16.96
CA LEU B 203 -26.45 19.00 17.72
C LEU B 203 -25.50 17.92 17.28
N PHE B 204 -24.20 18.16 17.49
CA PHE B 204 -23.18 17.20 17.11
C PHE B 204 -22.07 17.22 18.16
N VAL B 205 -21.05 16.39 17.94
CA VAL B 205 -19.93 16.24 18.86
C VAL B 205 -18.64 16.25 18.06
N SER B 206 -17.63 16.94 18.57
CA SER B 206 -16.33 17.06 17.92
C SER B 206 -15.23 16.60 18.87
N GLY B 207 -14.28 15.84 18.34
CA GLY B 207 -13.16 15.37 19.11
C GLY B 207 -11.85 15.88 18.53
N ALA B 208 -10.86 16.05 19.40
CA ALA B 208 -9.57 16.60 19.01
C ALA B 208 -8.47 15.82 19.72
N CYS B 209 -7.24 16.32 19.61
CA CYS B 209 -6.08 15.66 20.21
C CYS B 209 -6.05 15.82 21.73
N ASP B 210 -6.93 16.63 22.30
CA ASP B 210 -6.96 16.86 23.74
C ASP B 210 -7.56 15.70 24.52
N ALA B 211 -7.77 14.55 23.88
CA ALA B 211 -8.35 13.37 24.54
C ALA B 211 -9.70 13.71 25.16
N SER B 212 -10.48 14.53 24.47
CA SER B 212 -11.78 14.95 24.96
C SER B 212 -12.71 15.20 23.78
N ALA B 213 -14.01 15.16 24.07
CA ALA B 213 -15.05 15.41 23.09
C ALA B 213 -15.98 16.51 23.60
N LYS B 214 -16.34 17.42 22.71
CA LYS B 214 -17.18 18.56 23.06
C LYS B 214 -18.45 18.55 22.21
N LEU B 215 -19.58 18.80 22.87
CA LEU B 215 -20.87 18.84 22.19
C LEU B 215 -21.16 20.27 21.74
N TRP B 216 -21.54 20.42 20.47
CA TRP B 216 -21.82 21.71 19.87
C TRP B 216 -23.25 21.72 19.35
N ASP B 217 -24.00 22.76 19.69
CA ASP B 217 -25.39 22.90 19.26
C ASP B 217 -25.43 23.83 18.04
N VAL B 218 -25.98 23.33 16.94
CA VAL B 218 -25.91 24.06 15.67
C VAL B 218 -26.77 25.32 15.74
N ARG B 219 -27.97 25.22 16.30
CA ARG B 219 -28.90 26.34 16.24
C ARG B 219 -28.34 27.58 16.92
N GLU B 220 -27.89 27.43 18.17
CA GLU B 220 -27.33 28.57 18.90
C GLU B 220 -25.87 28.78 18.54
N GLY B 221 -25.03 27.78 18.79
CA GLY B 221 -23.64 27.83 18.38
C GLY B 221 -22.66 28.04 19.52
N MET B 222 -22.96 27.48 20.68
CA MET B 222 -22.06 27.54 21.82
C MET B 222 -22.03 26.17 22.50
N CYS B 223 -20.88 25.86 23.11
CA CYS B 223 -20.64 24.53 23.65
C CYS B 223 -21.55 24.24 24.84
N ARG B 224 -21.81 22.95 25.04
CA ARG B 224 -22.63 22.46 26.15
C ARG B 224 -21.82 21.71 27.20
N GLN B 225 -21.10 20.67 26.80
CA GLN B 225 -20.41 19.79 27.74
C GLN B 225 -19.08 19.35 27.16
N THR B 226 -18.17 18.97 28.06
CA THR B 226 -16.87 18.43 27.69
C THR B 226 -16.65 17.13 28.43
N PHE B 227 -16.18 16.11 27.72
CA PHE B 227 -15.99 14.78 28.28
C PHE B 227 -14.52 14.38 28.13
N THR B 228 -13.98 13.77 29.18
CA THR B 228 -12.60 13.30 29.21
C THR B 228 -12.56 11.84 29.61
N GLY B 229 -11.34 11.29 29.69
CA GLY B 229 -11.16 9.91 30.06
C GLY B 229 -10.06 9.22 29.28
N HIS B 230 -9.70 9.79 28.14
CA HIS B 230 -8.66 9.21 27.29
C HIS B 230 -7.30 9.83 27.61
N GLU B 231 -6.25 9.12 27.23
CA GLU B 231 -4.89 9.57 27.44
C GLU B 231 -4.17 9.96 26.15
N SER B 232 -4.66 9.50 25.00
CA SER B 232 -4.08 9.81 23.69
C SER B 232 -5.14 10.47 22.81
N ASP B 233 -4.77 10.71 21.55
CA ASP B 233 -5.69 11.33 20.61
C ASP B 233 -6.84 10.38 20.28
N ILE B 234 -8.01 10.96 20.04
CA ILE B 234 -9.20 10.22 19.66
C ILE B 234 -9.46 10.41 18.18
N ASN B 235 -9.72 9.32 17.47
CA ASN B 235 -9.81 9.33 16.02
C ASN B 235 -11.22 9.24 15.47
N ALA B 236 -12.13 8.56 16.16
CA ALA B 236 -13.48 8.35 15.64
C ALA B 236 -14.50 8.53 16.75
N ILE B 237 -15.66 9.08 16.38
CA ILE B 237 -16.77 9.30 17.29
C ILE B 237 -18.07 9.06 16.55
N CYS B 238 -18.98 8.30 17.18
CA CYS B 238 -20.25 7.97 16.55
C CYS B 238 -21.37 7.98 17.58
N PHE B 239 -22.48 8.62 17.24
CA PHE B 239 -23.63 8.67 18.13
C PHE B 239 -24.32 7.32 18.24
N PHE B 240 -24.85 7.05 19.42
CA PHE B 240 -25.77 5.94 19.59
C PHE B 240 -27.07 6.24 18.84
N PRO B 241 -27.74 5.21 18.30
CA PRO B 241 -28.99 5.48 17.56
C PRO B 241 -30.02 6.24 18.36
N ASN B 242 -30.10 6.01 19.67
CA ASN B 242 -31.04 6.76 20.50
C ASN B 242 -30.73 8.25 20.51
N GLY B 243 -29.48 8.63 20.28
CA GLY B 243 -29.09 10.03 20.26
C GLY B 243 -28.76 10.63 21.60
N ASN B 244 -28.79 9.85 22.68
CA ASN B 244 -28.47 10.33 24.01
C ASN B 244 -27.09 9.90 24.48
N ALA B 245 -26.34 9.18 23.65
CA ALA B 245 -25.00 8.71 24.02
C ALA B 245 -24.22 8.47 22.74
N PHE B 246 -22.89 8.35 22.91
CA PHE B 246 -22.02 8.12 21.76
C PHE B 246 -20.81 7.31 22.20
N ALA B 247 -20.07 6.82 21.22
CA ALA B 247 -18.87 6.03 21.45
C ALA B 247 -17.68 6.70 20.76
N THR B 248 -16.52 6.66 21.42
CA THR B 248 -15.30 7.26 20.92
C THR B 248 -14.17 6.23 20.92
N GLY B 249 -13.32 6.32 19.91
CA GLY B 249 -12.15 5.47 19.82
C GLY B 249 -10.87 6.29 19.94
N SER B 250 -9.85 5.69 20.52
CA SER B 250 -8.57 6.37 20.75
C SER B 250 -7.44 5.44 20.34
N ASP B 251 -6.22 5.99 20.31
CA ASP B 251 -5.04 5.22 19.95
C ASP B 251 -4.59 4.27 21.04
N ASP B 252 -5.18 4.35 22.23
CA ASP B 252 -4.83 3.47 23.34
C ASP B 252 -5.57 2.14 23.30
N ALA B 253 -6.37 1.90 22.26
CA ALA B 253 -7.15 0.66 22.14
C ALA B 253 -8.18 0.54 23.25
N THR B 254 -8.69 1.67 23.73
CA THR B 254 -9.70 1.70 24.80
C THR B 254 -10.84 2.59 24.35
N CYS B 255 -11.79 2.03 23.61
CA CYS B 255 -12.99 2.77 23.21
C CYS B 255 -13.87 3.02 24.42
N ARG B 256 -14.45 4.21 24.49
CA ARG B 256 -15.24 4.63 25.64
C ARG B 256 -16.58 5.19 25.18
N LEU B 257 -17.64 4.82 25.89
CA LEU B 257 -18.98 5.29 25.60
C LEU B 257 -19.37 6.36 26.62
N PHE B 258 -19.72 7.54 26.13
CA PHE B 258 -20.12 8.67 26.97
C PHE B 258 -21.59 8.98 26.77
N ASP B 259 -22.27 9.25 27.87
CA ASP B 259 -23.68 9.64 27.86
C ASP B 259 -23.77 11.15 28.01
N LEU B 260 -24.61 11.78 27.17
CA LEU B 260 -24.80 13.22 27.26
C LEU B 260 -25.62 13.59 28.49
N ARG B 261 -26.69 12.86 28.76
CA ARG B 261 -27.56 13.19 29.88
C ARG B 261 -26.84 12.99 31.21
N ALA B 262 -26.15 11.87 31.38
CA ALA B 262 -25.45 11.58 32.62
C ALA B 262 -24.17 12.38 32.78
N ASP B 263 -23.53 12.77 31.67
CA ASP B 263 -22.28 13.53 31.72
C ASP B 263 -21.20 12.76 32.46
N GLN B 264 -21.07 11.47 32.14
CA GLN B 264 -20.05 10.63 32.77
C GLN B 264 -19.89 9.36 31.94
N GLU B 265 -18.67 8.82 31.94
CA GLU B 265 -18.40 7.58 31.24
C GLU B 265 -19.17 6.44 31.89
N LEU B 266 -19.67 5.52 31.06
CA LEU B 266 -20.46 4.39 31.53
C LEU B 266 -19.65 3.10 31.60
N MET B 267 -18.86 2.80 30.57
CA MET B 267 -18.11 1.55 30.53
C MET B 267 -16.88 1.74 29.66
N THR B 268 -15.93 0.81 29.81
CA THR B 268 -14.70 0.81 29.05
C THR B 268 -14.63 -0.43 28.16
N TYR B 269 -14.00 -0.27 27.00
CA TYR B 269 -13.87 -1.34 26.00
C TYR B 269 -12.39 -1.53 25.72
N SER B 270 -11.76 -2.47 26.41
CA SER B 270 -10.34 -2.74 26.25
C SER B 270 -10.09 -4.24 26.27
N HIS B 271 -8.99 -4.65 25.64
CA HIS B 271 -8.58 -6.04 25.62
C HIS B 271 -7.06 -6.11 25.63
N ASP B 272 -6.53 -7.19 26.20
CA ASP B 272 -5.09 -7.33 26.36
C ASP B 272 -4.38 -7.73 25.07
N ASN B 273 -5.11 -8.27 24.09
CA ASN B 273 -4.50 -8.73 22.85
C ASN B 273 -4.35 -7.63 21.81
N ILE B 274 -4.80 -6.41 22.10
CA ILE B 274 -4.73 -5.28 21.18
C ILE B 274 -3.86 -4.20 21.80
N ILE B 275 -2.87 -3.72 21.05
CA ILE B 275 -1.99 -2.67 21.52
C ILE B 275 -2.01 -1.51 20.52
N CYS B 276 -2.55 -1.75 19.32
CA CYS B 276 -2.62 -0.74 18.29
C CYS B 276 -3.87 0.12 18.46
N GLY B 277 -3.87 1.26 17.77
CA GLY B 277 -4.96 2.21 17.88
C GLY B 277 -6.16 1.83 17.02
N ILE B 278 -7.17 2.68 17.10
CA ILE B 278 -8.42 2.49 16.36
C ILE B 278 -8.52 3.56 15.28
N THR B 279 -9.31 3.26 14.25
CA THR B 279 -9.53 4.17 13.14
C THR B 279 -10.97 4.64 13.04
N SER B 280 -11.94 3.73 13.12
CA SER B 280 -13.34 4.07 12.99
C SER B 280 -14.17 3.28 14.00
N VAL B 281 -15.28 3.88 14.42
CA VAL B 281 -16.23 3.27 15.33
C VAL B 281 -17.63 3.46 14.75
N SER B 282 -18.42 2.39 14.78
CA SER B 282 -19.78 2.47 14.26
C SER B 282 -20.71 1.65 15.15
N PHE B 283 -21.99 2.00 15.10
CA PHE B 283 -23.05 1.33 15.84
C PHE B 283 -23.98 0.60 14.88
N SER B 284 -24.83 -0.24 15.46
CA SER B 284 -25.85 -0.97 14.71
C SER B 284 -27.17 -0.21 14.77
N LYS B 285 -28.17 -0.77 14.08
CA LYS B 285 -29.48 -0.13 14.05
C LYS B 285 -30.10 -0.07 15.44
N SER B 286 -29.97 -1.15 16.22
CA SER B 286 -30.48 -1.17 17.58
C SER B 286 -29.42 -0.83 18.62
N GLY B 287 -28.14 -0.87 18.25
CA GLY B 287 -27.08 -0.56 19.19
C GLY B 287 -26.63 -1.71 20.06
N ARG B 288 -27.11 -2.93 19.81
CA ARG B 288 -26.69 -4.07 20.62
C ARG B 288 -25.22 -4.41 20.38
N LEU B 289 -24.74 -4.22 19.16
CA LEU B 289 -23.37 -4.58 18.81
C LEU B 289 -22.73 -3.42 18.06
N LEU B 290 -21.49 -3.10 18.42
CA LEU B 290 -20.73 -2.03 17.78
C LEU B 290 -19.52 -2.62 17.05
N LEU B 291 -19.00 -1.82 16.11
CA LEU B 291 -17.93 -2.24 15.22
C LEU B 291 -16.75 -1.29 15.35
N ALA B 292 -15.56 -1.86 15.44
CA ALA B 292 -14.33 -1.09 15.61
C ALA B 292 -13.30 -1.56 14.59
N GLY B 293 -12.59 -0.61 13.99
CA GLY B 293 -11.54 -0.92 13.05
C GLY B 293 -10.15 -0.59 13.59
N TYR B 294 -9.36 -1.61 13.88
CA TYR B 294 -8.02 -1.42 14.42
C TYR B 294 -6.97 -1.52 13.32
N ASP B 295 -5.71 -1.40 13.71
CA ASP B 295 -4.58 -1.46 12.79
C ASP B 295 -4.07 -2.88 12.57
N ASP B 296 -4.73 -3.88 13.15
CA ASP B 296 -4.36 -5.28 12.98
C ASP B 296 -5.08 -5.93 11.80
N PHE B 297 -5.43 -5.14 10.78
CA PHE B 297 -6.17 -5.62 9.61
C PHE B 297 -7.31 -6.55 10.01
N ASN B 298 -7.95 -6.27 11.15
CA ASN B 298 -9.08 -7.04 11.63
C ASN B 298 -10.13 -6.08 12.19
N CYS B 299 -11.40 -6.40 11.96
CA CYS B 299 -12.51 -5.63 12.49
C CYS B 299 -13.11 -6.36 13.67
N ASN B 300 -13.33 -5.64 14.76
CA ASN B 300 -13.83 -6.22 16.00
C ASN B 300 -15.29 -5.86 16.20
N VAL B 301 -16.13 -6.88 16.41
CA VAL B 301 -17.54 -6.71 16.68
C VAL B 301 -17.72 -6.98 18.17
N TRP B 302 -18.03 -5.94 18.94
CA TRP B 302 -18.13 -6.03 20.38
C TRP B 302 -19.54 -5.74 20.86
N ASP B 303 -19.99 -6.50 21.85
CA ASP B 303 -21.29 -6.27 22.46
C ASP B 303 -21.27 -4.95 23.23
N ALA B 304 -22.23 -4.08 22.94
CA ALA B 304 -22.29 -2.78 23.59
C ALA B 304 -22.77 -2.86 25.03
N LEU B 305 -23.25 -4.02 25.47
CA LEU B 305 -23.80 -4.18 26.81
C LEU B 305 -22.92 -5.06 27.69
N LYS B 306 -22.46 -6.21 27.18
CA LYS B 306 -21.69 -7.14 27.99
C LYS B 306 -20.19 -6.85 27.99
N ALA B 307 -19.74 -5.88 27.18
CA ALA B 307 -18.32 -5.52 27.12
C ALA B 307 -17.44 -6.70 26.72
N ASP B 308 -17.96 -7.58 25.87
CA ASP B 308 -17.24 -8.75 25.40
C ASP B 308 -17.05 -8.68 23.88
N ARG B 309 -16.14 -9.51 23.39
CA ARG B 309 -15.84 -9.59 21.96
C ARG B 309 -16.74 -10.66 21.35
N ALA B 310 -17.71 -10.23 20.55
CA ALA B 310 -18.68 -11.13 19.94
C ALA B 310 -18.26 -11.59 18.55
N GLY B 311 -17.29 -10.94 17.93
CA GLY B 311 -16.87 -11.37 16.61
C GLY B 311 -15.58 -10.75 16.10
N VAL B 312 -14.87 -11.48 15.25
CA VAL B 312 -13.64 -11.01 14.62
C VAL B 312 -13.77 -11.21 13.12
N LEU B 313 -13.44 -10.19 12.34
CA LEU B 313 -13.52 -10.23 10.89
C LEU B 313 -12.13 -9.98 10.31
N ALA B 314 -11.73 -10.83 9.36
CA ALA B 314 -10.43 -10.73 8.71
C ALA B 314 -10.65 -10.50 7.22
N GLY B 315 -9.55 -10.52 6.46
CA GLY B 315 -9.57 -10.31 5.03
C GLY B 315 -8.85 -9.08 4.54
N HIS B 316 -8.23 -8.30 5.44
CA HIS B 316 -7.50 -7.11 5.07
C HIS B 316 -6.00 -7.35 5.25
N ASP B 317 -5.20 -6.58 4.52
CA ASP B 317 -3.75 -6.76 4.51
C ASP B 317 -3.03 -5.72 5.38
N ASN B 318 -3.24 -4.44 5.10
CA ASN B 318 -2.44 -3.39 5.73
C ASN B 318 -3.11 -2.80 6.97
N ARG B 319 -4.29 -2.20 6.81
CA ARG B 319 -4.92 -1.47 7.89
C ARG B 319 -6.34 -1.13 7.49
N VAL B 320 -7.26 -1.22 8.45
CA VAL B 320 -8.66 -0.85 8.21
C VAL B 320 -8.78 0.65 8.34
N SER B 321 -9.27 1.31 7.29
CA SER B 321 -9.34 2.76 7.25
C SER B 321 -10.72 3.31 7.58
N CYS B 322 -11.79 2.63 7.15
CA CYS B 322 -13.14 3.12 7.39
C CYS B 322 -14.09 1.94 7.47
N LEU B 323 -15.24 2.16 8.10
CA LEU B 323 -16.29 1.15 8.16
C LEU B 323 -17.61 1.85 8.45
N GLY B 324 -18.68 1.35 7.83
CA GLY B 324 -19.98 1.98 7.95
C GLY B 324 -21.14 1.03 7.78
N VAL B 325 -22.15 1.16 8.65
CA VAL B 325 -23.35 0.34 8.61
C VAL B 325 -24.45 1.11 7.91
N THR B 326 -25.27 0.39 7.15
CA THR B 326 -26.38 1.02 6.45
C THR B 326 -27.43 1.52 7.44
N ASP B 327 -28.18 2.53 7.00
CA ASP B 327 -29.28 3.03 7.83
C ASP B 327 -30.31 1.94 8.09
N ASP B 328 -30.62 1.15 7.07
CA ASP B 328 -31.55 0.03 7.23
C ASP B 328 -30.94 -1.09 8.07
N GLY B 329 -29.62 -1.12 8.22
CA GLY B 329 -28.97 -2.15 9.01
C GLY B 329 -28.82 -3.48 8.32
N MET B 330 -28.92 -3.52 6.99
CA MET B 330 -28.81 -4.79 6.28
C MET B 330 -27.39 -5.33 6.35
N ALA B 331 -26.40 -4.58 5.86
CA ALA B 331 -25.02 -5.01 5.82
C ALA B 331 -24.11 -3.88 6.29
N VAL B 332 -22.81 -4.17 6.35
CA VAL B 332 -21.80 -3.20 6.76
C VAL B 332 -20.64 -3.27 5.79
N ALA B 333 -20.18 -2.12 5.31
CA ALA B 333 -19.07 -2.04 4.37
C ALA B 333 -17.84 -1.49 5.06
N THR B 334 -16.72 -2.21 4.94
CA THR B 334 -15.47 -1.81 5.55
C THR B 334 -14.38 -1.72 4.49
N GLY B 335 -13.60 -0.64 4.53
CA GLY B 335 -12.54 -0.40 3.58
C GLY B 335 -11.19 -0.20 4.24
N SER B 336 -10.17 -0.84 3.68
CA SER B 336 -8.81 -0.79 4.19
C SER B 336 -7.90 -0.09 3.19
N TRP B 337 -6.63 0.05 3.55
CA TRP B 337 -5.63 0.63 2.67
C TRP B 337 -5.27 -0.28 1.51
N ASP B 338 -5.68 -1.55 1.55
CA ASP B 338 -5.43 -2.49 0.47
C ASP B 338 -6.24 -2.14 -0.78
N SER B 339 -7.23 -1.25 -0.66
CA SER B 339 -8.07 -0.82 -1.77
C SER B 339 -9.15 -1.85 -2.10
N PHE B 340 -9.53 -2.68 -1.13
CA PHE B 340 -10.61 -3.64 -1.27
C PHE B 340 -11.66 -3.33 -0.21
N LEU B 341 -12.91 -3.19 -0.63
CA LEU B 341 -14.03 -2.93 0.26
C LEU B 341 -14.82 -4.22 0.45
N LYS B 342 -14.97 -4.64 1.70
CA LYS B 342 -15.66 -5.89 2.03
C LYS B 342 -17.01 -5.57 2.65
N ILE B 343 -18.05 -6.23 2.16
CA ILE B 343 -19.42 -6.03 2.63
C ILE B 343 -19.81 -7.26 3.43
N TRP B 344 -19.84 -7.13 4.75
CA TRP B 344 -20.25 -8.20 5.65
C TRP B 344 -21.76 -8.12 5.90
N ASN B 345 -22.40 -9.28 5.94
CA ASN B 345 -23.84 -9.35 6.17
C ASN B 345 -24.18 -10.59 6.99
N GLN C 18 -17.94 30.69 30.30
CA GLN C 18 -18.38 29.51 29.51
C GLN C 18 -18.73 28.33 30.43
N LEU C 19 -17.79 28.01 31.34
CA LEU C 19 -18.03 26.90 32.25
C LEU C 19 -19.21 27.17 33.17
N LYS C 20 -19.45 28.44 33.51
CA LYS C 20 -20.57 28.76 34.40
C LYS C 20 -21.90 28.33 33.78
N MET C 21 -22.09 28.60 32.49
CA MET C 21 -23.34 28.20 31.84
C MET C 21 -23.39 26.69 31.59
N GLU C 22 -22.25 26.08 31.28
CA GLU C 22 -22.24 24.64 31.01
C GLU C 22 -22.52 23.83 32.27
N ALA C 23 -22.07 24.31 33.44
CA ALA C 23 -22.27 23.56 34.67
C ALA C 23 -23.75 23.41 35.01
N ASN C 24 -24.54 24.46 34.80
CA ASN C 24 -25.96 24.44 35.16
C ASN C 24 -26.72 23.62 34.12
N ILE C 25 -26.80 22.31 34.37
CA ILE C 25 -27.53 21.39 33.51
C ILE C 25 -28.37 20.47 34.37
N ASP C 26 -29.41 19.89 33.77
CA ASP C 26 -30.30 18.96 34.45
C ASP C 26 -29.75 17.56 34.27
N ARG C 27 -29.00 17.08 35.26
CA ARG C 27 -28.36 15.77 35.20
C ARG C 27 -29.27 14.71 35.79
N ILE C 28 -29.09 13.47 35.32
CA ILE C 28 -29.91 12.34 35.75
C ILE C 28 -29.01 11.30 36.40
N LYS C 29 -29.64 10.22 36.86
CA LYS C 29 -28.91 9.12 37.47
C LYS C 29 -28.28 8.23 36.39
N VAL C 30 -27.06 7.77 36.66
CA VAL C 30 -26.35 6.94 35.69
C VAL C 30 -27.10 5.64 35.46
N SER C 31 -27.60 5.03 36.54
CA SER C 31 -28.34 3.78 36.40
C SER C 31 -29.59 3.97 35.56
N LYS C 32 -30.25 5.13 35.70
CA LYS C 32 -31.42 5.40 34.87
C LYS C 32 -31.05 5.45 33.40
N ALA C 33 -29.93 6.08 33.07
CA ALA C 33 -29.48 6.13 31.69
C ALA C 33 -29.15 4.74 31.17
N ALA C 34 -28.50 3.92 32.00
CA ALA C 34 -28.18 2.55 31.60
C ALA C 34 -29.46 1.76 31.33
N ALA C 35 -30.46 1.91 32.19
CA ALA C 35 -31.73 1.21 31.99
C ALA C 35 -32.41 1.68 30.72
N ASP C 36 -32.40 2.99 30.45
CA ASP C 36 -32.99 3.50 29.22
C ASP C 36 -32.28 2.95 28.00
N LEU C 37 -30.94 2.91 28.04
CA LEU C 37 -30.19 2.36 26.91
C LEU C 37 -30.53 0.90 26.69
N MET C 38 -30.61 0.11 27.76
CA MET C 38 -30.96 -1.30 27.62
C MET C 38 -32.37 -1.46 27.07
N ALA C 39 -33.31 -0.64 27.53
CA ALA C 39 -34.68 -0.73 27.04
C ALA C 39 -34.74 -0.41 25.55
N TYR C 40 -34.04 0.64 25.12
CA TYR C 40 -34.03 0.99 23.70
C TYR C 40 -33.38 -0.13 22.89
N CYS C 41 -32.29 -0.71 23.39
CA CYS C 41 -31.62 -1.77 22.68
C CYS C 41 -32.52 -3.00 22.52
N GLU C 42 -33.23 -3.36 23.59
CA GLU C 42 -34.09 -4.54 23.53
C GLU C 42 -35.34 -4.30 22.70
N ALA C 43 -35.82 -3.06 22.65
CA ALA C 43 -37.04 -2.77 21.91
C ALA C 43 -36.87 -3.06 20.42
N HIS C 44 -35.73 -2.68 19.85
CA HIS C 44 -35.47 -2.81 18.42
C HIS C 44 -34.55 -3.99 18.10
N ALA C 45 -34.43 -4.96 19.01
CA ALA C 45 -33.57 -6.10 18.77
C ALA C 45 -34.08 -7.02 17.67
N LYS C 46 -35.36 -6.95 17.32
CA LYS C 46 -35.91 -7.84 16.30
C LYS C 46 -35.66 -7.33 14.89
N GLU C 47 -35.24 -6.07 14.73
CA GLU C 47 -34.99 -5.47 13.41
C GLU C 47 -33.50 -5.30 13.14
N ASP C 48 -32.68 -6.27 13.57
CA ASP C 48 -31.22 -6.20 13.41
C ASP C 48 -30.76 -7.31 12.48
N PRO C 49 -30.64 -7.05 11.18
CA PRO C 49 -30.10 -8.06 10.27
C PRO C 49 -28.69 -8.50 10.65
N LEU C 50 -27.87 -7.60 11.18
CA LEU C 50 -26.51 -7.95 11.58
C LEU C 50 -26.48 -8.90 12.77
N LEU C 51 -27.49 -8.84 13.64
CA LEU C 51 -27.54 -9.72 14.80
C LEU C 51 -28.16 -11.07 14.45
N THR C 52 -29.38 -11.08 13.92
CA THR C 52 -30.03 -12.31 13.51
C THR C 52 -29.69 -12.59 12.05
N PRO C 53 -29.13 -13.75 11.72
CA PRO C 53 -28.76 -14.02 10.32
C PRO C 53 -29.97 -13.98 9.41
N VAL C 54 -29.93 -13.08 8.44
CA VAL C 54 -31.06 -12.92 7.52
C VAL C 54 -31.07 -14.08 6.53
N PRO C 55 -32.19 -14.78 6.35
CA PRO C 55 -32.22 -15.87 5.37
C PRO C 55 -32.02 -15.34 3.96
N ALA C 56 -31.43 -16.20 3.11
CA ALA C 56 -31.11 -15.79 1.75
C ALA C 56 -32.36 -15.43 0.95
N SER C 57 -33.52 -15.97 1.34
CA SER C 57 -34.74 -15.72 0.58
C SER C 57 -35.07 -14.22 0.55
N GLU C 58 -35.04 -13.58 1.71
CA GLU C 58 -35.34 -12.15 1.80
C GLU C 58 -34.09 -11.28 1.74
N ASN C 59 -32.90 -11.88 1.72
CA ASN C 59 -31.67 -11.09 1.68
C ASN C 59 -31.43 -10.58 0.27
N PRO C 60 -31.34 -9.26 0.05
CA PRO C 60 -31.03 -8.74 -1.28
C PRO C 60 -29.54 -8.74 -1.62
N PHE C 61 -28.68 -9.11 -0.68
CA PHE C 61 -27.23 -9.12 -0.89
C PHE C 61 -26.73 -10.48 -1.36
N ARG C 62 -27.61 -11.47 -1.50
CA ARG C 62 -27.21 -12.80 -1.92
C ARG C 62 -27.30 -12.93 -3.44
N TYR D 156 14.94 -53.15 -7.86
CA TYR D 156 15.68 -52.26 -8.79
C TYR D 156 14.69 -51.27 -9.43
N GLN D 157 13.66 -51.82 -10.10
CA GLN D 157 12.63 -51.04 -10.78
C GLN D 157 11.81 -50.22 -9.78
N VAL D 158 11.49 -50.82 -8.63
CA VAL D 158 10.63 -50.15 -7.66
C VAL D 158 11.30 -48.88 -7.14
N ILE D 159 12.59 -48.95 -6.83
CA ILE D 159 13.29 -47.80 -6.27
C ILE D 159 13.30 -46.66 -7.27
N THR D 160 13.66 -46.96 -8.52
CA THR D 160 13.71 -45.91 -9.55
C THR D 160 12.32 -45.33 -9.80
N SER D 161 11.30 -46.18 -9.84
CA SER D 161 9.94 -45.71 -10.05
C SER D 161 9.52 -44.77 -8.92
N LEU D 162 9.79 -45.16 -7.68
CA LEU D 162 9.42 -44.32 -6.54
C LEU D 162 10.17 -42.99 -6.57
N LEU D 163 11.46 -43.03 -6.90
CA LEU D 163 12.25 -41.79 -6.97
C LEU D 163 11.70 -40.86 -8.04
N LEU D 164 11.41 -41.40 -9.23
CA LEU D 164 10.87 -40.58 -10.30
C LEU D 164 9.51 -40.01 -9.94
N GLY D 165 8.65 -40.83 -9.31
CA GLY D 165 7.35 -40.33 -8.90
C GLY D 165 7.46 -39.22 -7.87
N THR D 166 8.36 -39.38 -6.90
CA THR D 166 8.57 -38.33 -5.91
C THR D 166 9.07 -37.05 -6.56
N LEU D 167 10.02 -37.17 -7.51
CA LEU D 167 10.53 -36.00 -8.19
C LEU D 167 9.43 -35.28 -8.95
N ILE D 168 8.60 -36.04 -9.69
CA ILE D 168 7.52 -35.43 -10.46
C ILE D 168 6.52 -34.77 -9.53
N PHE D 169 6.17 -35.44 -8.44
CA PHE D 169 5.21 -34.89 -7.49
C PHE D 169 5.73 -33.59 -6.87
N CYS D 170 7.01 -33.57 -6.49
CA CYS D 170 7.58 -32.36 -5.92
C CYS D 170 7.58 -31.22 -6.93
N ALA D 171 7.97 -31.50 -8.18
CA ALA D 171 7.97 -30.45 -9.19
C ALA D 171 6.57 -29.92 -9.43
N VAL D 172 5.58 -30.80 -9.53
CA VAL D 172 4.21 -30.36 -9.76
C VAL D 172 3.72 -29.52 -8.58
N LEU D 173 4.00 -29.96 -7.35
CA LEU D 173 3.58 -29.21 -6.18
C LEU D 173 4.21 -27.82 -6.17
N GLY D 174 5.51 -27.74 -6.46
CA GLY D 174 6.17 -26.45 -6.45
C GLY D 174 5.60 -25.51 -7.50
N ASN D 175 5.42 -26.00 -8.72
CA ASN D 175 4.89 -25.15 -9.78
C ASN D 175 3.47 -24.71 -9.47
N ALA D 176 2.63 -25.63 -8.98
CA ALA D 176 1.26 -25.28 -8.64
C ALA D 176 1.22 -24.25 -7.52
N CYS D 177 2.07 -24.41 -6.51
CA CYS D 177 2.13 -23.45 -5.42
C CYS D 177 2.55 -22.07 -5.94
N VAL D 178 3.54 -22.03 -6.82
CA VAL D 178 3.98 -20.75 -7.38
C VAL D 178 2.83 -20.09 -8.13
N VAL D 179 2.15 -20.86 -8.98
CA VAL D 179 1.07 -20.29 -9.79
C VAL D 179 -0.06 -19.79 -8.89
N ALA D 180 -0.41 -20.57 -7.87
CA ALA D 180 -1.48 -20.16 -6.96
C ALA D 180 -1.10 -18.90 -6.18
N ALA D 181 0.14 -18.83 -5.72
CA ALA D 181 0.58 -17.63 -5.00
C ALA D 181 0.53 -16.41 -5.90
N ILE D 182 0.96 -16.56 -7.15
CA ILE D 182 0.94 -15.42 -8.07
C ILE D 182 -0.49 -14.98 -8.35
N ALA D 183 -1.38 -15.94 -8.60
CA ALA D 183 -2.73 -15.60 -9.05
C ALA D 183 -3.59 -15.07 -7.90
N LEU D 184 -3.51 -15.69 -6.73
CA LEU D 184 -4.45 -15.42 -5.64
C LEU D 184 -4.18 -14.11 -4.92
N GLU D 185 -3.03 -13.48 -5.13
CA GLU D 185 -2.64 -12.29 -4.39
C GLU D 185 -2.40 -11.13 -5.34
N ARG D 186 -2.80 -9.93 -4.90
CA ARG D 186 -2.74 -8.73 -5.72
C ARG D 186 -1.39 -8.02 -5.64
N SER D 187 -0.56 -8.35 -4.65
CA SER D 187 0.72 -7.68 -4.47
C SER D 187 1.84 -8.28 -5.32
N LEU D 188 1.55 -9.34 -6.08
CA LEU D 188 2.55 -10.00 -6.92
C LEU D 188 2.27 -9.81 -8.40
N GLN D 189 1.50 -8.79 -8.77
CA GLN D 189 1.18 -8.52 -10.17
C GLN D 189 2.18 -7.51 -10.72
N ASN D 190 3.30 -8.04 -11.20
CA ASN D 190 4.36 -7.25 -11.79
C ASN D 190 4.91 -7.96 -13.02
N VAL D 191 5.62 -7.20 -13.86
CA VAL D 191 6.16 -7.76 -15.09
C VAL D 191 7.14 -8.89 -14.77
N ALA D 192 8.04 -8.65 -13.80
CA ALA D 192 8.96 -9.70 -13.39
C ALA D 192 8.19 -10.88 -12.79
N ASN D 193 7.19 -10.61 -11.96
CA ASN D 193 6.36 -11.68 -11.42
C ASN D 193 5.57 -12.38 -12.51
N TYR D 194 5.13 -11.64 -13.54
CA TYR D 194 4.43 -12.28 -14.65
C TYR D 194 5.37 -13.23 -15.40
N LEU D 195 6.61 -12.82 -15.64
CA LEU D 195 7.56 -13.70 -16.29
C LEU D 195 7.86 -14.92 -15.43
N ILE D 196 7.99 -14.74 -14.12
CA ILE D 196 8.22 -15.86 -13.22
C ILE D 196 7.03 -16.83 -13.27
N GLY D 197 5.82 -16.28 -13.30
CA GLY D 197 4.64 -17.14 -13.41
C GLY D 197 4.58 -17.89 -14.71
N SER D 198 4.99 -17.24 -15.81
CA SER D 198 5.05 -17.93 -17.10
C SER D 198 6.06 -19.08 -17.05
N LEU D 199 7.22 -18.84 -16.43
CA LEU D 199 8.20 -19.90 -16.27
C LEU D 199 7.66 -21.04 -15.43
N ALA D 200 6.93 -20.70 -14.35
CA ALA D 200 6.33 -21.73 -13.51
C ALA D 200 5.29 -22.53 -14.29
N VAL D 201 4.52 -21.87 -15.15
CA VAL D 201 3.53 -22.57 -15.97
C VAL D 201 4.23 -23.52 -16.93
N THR D 202 5.32 -23.07 -17.55
CA THR D 202 6.07 -23.95 -18.43
C THR D 202 6.63 -25.15 -17.68
N ASP D 203 7.14 -24.93 -16.46
CA ASP D 203 7.64 -26.04 -15.66
C ASP D 203 6.52 -27.01 -15.29
N LEU D 204 5.34 -26.48 -14.98
CA LEU D 204 4.19 -27.34 -14.69
C LEU D 204 3.82 -28.17 -15.90
N MET D 205 3.84 -27.56 -17.08
CA MET D 205 3.56 -28.30 -18.31
C MET D 205 4.59 -29.42 -18.49
N VAL D 206 5.86 -29.12 -18.25
CA VAL D 206 6.91 -30.14 -18.34
C VAL D 206 6.60 -31.28 -17.38
N SER D 207 6.25 -30.94 -16.14
CA SER D 207 6.04 -31.96 -15.13
C SER D 207 4.81 -32.82 -15.42
N VAL D 208 3.76 -32.23 -15.98
CA VAL D 208 2.51 -32.95 -16.18
C VAL D 208 2.52 -33.76 -17.48
N LEU D 209 3.12 -33.22 -18.54
CA LEU D 209 3.05 -33.84 -19.87
C LEU D 209 4.26 -34.70 -20.20
N VAL D 210 5.46 -34.17 -20.01
CA VAL D 210 6.67 -34.83 -20.52
C VAL D 210 7.26 -35.79 -19.50
N LEU D 211 7.38 -35.35 -18.24
CA LEU D 211 8.07 -36.17 -17.25
C LEU D 211 7.46 -37.55 -17.08
N PRO D 212 6.14 -37.71 -16.95
CA PRO D 212 5.59 -39.08 -16.80
C PRO D 212 5.94 -39.99 -17.96
N MET D 213 5.94 -39.48 -19.19
CA MET D 213 6.28 -40.30 -20.35
C MET D 213 7.74 -40.75 -20.26
N ALA D 214 8.64 -39.84 -19.91
CA ALA D 214 10.05 -40.19 -19.78
C ALA D 214 10.26 -41.22 -18.67
N ALA D 215 9.56 -41.04 -17.54
CA ALA D 215 9.69 -42.01 -16.46
C ALA D 215 9.19 -43.38 -16.87
N LEU D 216 8.06 -43.44 -17.57
CA LEU D 216 7.55 -44.72 -18.05
C LEU D 216 8.53 -45.37 -19.01
N TYR D 217 9.09 -44.59 -19.93
CA TYR D 217 10.06 -45.14 -20.87
C TYR D 217 11.29 -45.68 -20.14
N GLN D 218 11.78 -44.92 -19.15
CA GLN D 218 12.97 -45.35 -18.42
C GLN D 218 12.70 -46.63 -17.63
N VAL D 219 11.57 -46.71 -16.94
CA VAL D 219 11.30 -47.88 -16.11
C VAL D 219 11.04 -49.10 -16.99
N LEU D 220 10.27 -48.94 -18.07
CA LEU D 220 9.97 -50.07 -18.94
C LEU D 220 11.10 -50.41 -19.90
N ASN D 221 12.05 -49.50 -20.10
CA ASN D 221 13.24 -49.76 -20.91
C ASN D 221 12.89 -49.77 -22.39
N LYS D 222 11.60 -49.63 -22.72
CA LYS D 222 11.15 -49.66 -24.10
C LYS D 222 9.91 -48.79 -24.25
N TRP D 223 9.65 -48.39 -25.50
CA TRP D 223 8.49 -47.58 -25.82
C TRP D 223 7.40 -48.48 -26.39
N THR D 224 6.22 -48.44 -25.77
CA THR D 224 5.10 -49.28 -26.18
C THR D 224 3.83 -48.45 -26.37
N LEU D 225 3.97 -47.21 -26.83
CA LEU D 225 2.85 -46.31 -27.04
C LEU D 225 2.64 -45.93 -28.49
N GLY D 226 3.41 -46.50 -29.42
CA GLY D 226 3.24 -46.23 -30.83
C GLY D 226 4.17 -45.15 -31.34
N GLN D 227 4.39 -45.17 -32.66
CA GLN D 227 5.27 -44.18 -33.28
C GLN D 227 4.70 -42.78 -33.16
N VAL D 228 3.38 -42.63 -33.33
CA VAL D 228 2.76 -41.31 -33.23
C VAL D 228 2.97 -40.73 -31.84
N THR D 229 2.77 -41.56 -30.81
CA THR D 229 2.97 -41.09 -29.44
C THR D 229 4.42 -40.74 -29.18
N CYS D 230 5.35 -41.52 -29.74
CA CYS D 230 6.76 -41.21 -29.57
C CYS D 230 7.11 -39.87 -30.21
N ASP D 231 6.60 -39.62 -31.42
CA ASP D 231 6.86 -38.34 -32.07
C ASP D 231 6.26 -37.19 -31.28
N LEU D 232 5.02 -37.37 -30.78
CA LEU D 232 4.40 -36.33 -29.97
C LEU D 232 5.21 -36.05 -28.72
N PHE D 233 5.68 -37.11 -28.04
CA PHE D 233 6.49 -36.93 -26.84
C PHE D 233 7.77 -36.17 -27.15
N ILE D 234 8.45 -36.56 -28.23
CA ILE D 234 9.70 -35.89 -28.58
C ILE D 234 9.45 -34.41 -28.86
N ALA D 235 8.43 -34.11 -29.68
CA ALA D 235 8.14 -32.73 -30.03
C ALA D 235 7.79 -31.92 -28.80
N LEU D 236 6.93 -32.46 -27.93
CA LEU D 236 6.53 -31.73 -26.74
C LEU D 236 7.70 -31.50 -25.80
N ASP D 237 8.54 -32.51 -25.61
CA ASP D 237 9.71 -32.35 -24.74
C ASP D 237 10.63 -31.25 -25.27
N VAL D 238 10.92 -31.29 -26.57
CA VAL D 238 11.80 -30.26 -27.14
C VAL D 238 11.17 -28.89 -26.99
N LEU D 239 9.88 -28.77 -27.31
CA LEU D 239 9.21 -27.49 -27.25
C LEU D 239 9.24 -26.91 -25.85
N CYS D 240 8.91 -27.74 -24.84
CA CYS D 240 8.86 -27.26 -23.47
C CYS D 240 10.24 -26.94 -22.91
N CYS D 241 11.26 -27.75 -23.21
CA CYS D 241 12.61 -27.41 -22.76
C CYS D 241 13.08 -26.10 -23.38
N THR D 242 12.84 -25.91 -24.68
CA THR D 242 13.18 -24.65 -25.32
C THR D 242 12.42 -23.50 -24.69
N SER D 243 11.14 -23.71 -24.39
CA SER D 243 10.35 -22.65 -23.77
C SER D 243 10.94 -22.26 -22.43
N SER D 244 11.32 -23.24 -21.61
CA SER D 244 11.90 -22.93 -20.31
C SER D 244 13.21 -22.17 -20.45
N ILE D 245 14.08 -22.63 -21.35
CA ILE D 245 15.38 -21.97 -21.52
C ILE D 245 15.18 -20.54 -21.99
N TRP D 246 14.29 -20.33 -22.96
CA TRP D 246 14.07 -18.99 -23.49
C TRP D 246 13.31 -18.10 -22.51
N HIS D 247 12.49 -18.68 -21.62
CA HIS D 247 11.90 -17.89 -20.55
C HIS D 247 12.97 -17.42 -19.58
N LEU D 248 13.93 -18.28 -19.25
CA LEU D 248 15.05 -17.83 -18.42
C LEU D 248 15.82 -16.70 -19.11
N CYS D 249 16.06 -16.86 -20.41
CA CYS D 249 16.76 -15.81 -21.15
C CYS D 249 15.95 -14.51 -21.16
N ALA D 250 14.63 -14.60 -21.32
CA ALA D 250 13.78 -13.41 -21.33
C ALA D 250 13.79 -12.72 -19.97
N ILE D 251 13.78 -13.51 -18.88
CA ILE D 251 13.88 -12.92 -17.55
C ILE D 251 15.21 -12.19 -17.40
N ALA D 252 16.29 -12.80 -17.88
CA ALA D 252 17.59 -12.14 -17.82
C ALA D 252 17.57 -10.83 -18.60
N LEU D 253 16.98 -10.84 -19.80
CA LEU D 253 16.92 -9.63 -20.62
C LEU D 253 16.07 -8.55 -19.96
N ASP D 254 14.94 -8.93 -19.35
CA ASP D 254 14.11 -7.96 -18.65
C ASP D 254 14.87 -7.35 -17.48
N ARG D 255 15.61 -8.18 -16.74
CA ARG D 255 16.42 -7.64 -15.64
C ARG D 255 17.48 -6.69 -16.19
N TYR D 256 18.09 -7.03 -17.32
CA TYR D 256 19.07 -6.13 -17.92
C TYR D 256 18.46 -4.79 -18.28
N TRP D 257 17.28 -4.82 -18.90
CA TRP D 257 16.61 -3.57 -19.26
C TRP D 257 16.26 -2.76 -18.02
N ALA D 258 15.78 -3.41 -16.97
CA ALA D 258 15.41 -2.70 -15.75
C ALA D 258 16.62 -2.06 -15.09
N ILE D 259 17.73 -2.80 -15.00
CA ILE D 259 18.88 -2.29 -14.27
C ILE D 259 19.62 -1.23 -15.07
N THR D 260 19.82 -1.45 -16.38
CA THR D 260 20.64 -0.57 -17.19
C THR D 260 19.84 0.53 -17.89
N ASP D 261 18.53 0.64 -17.63
CA ASP D 261 17.71 1.65 -18.28
C ASP D 261 16.63 2.10 -17.29
N PRO D 262 16.90 3.12 -16.49
CA PRO D 262 15.90 3.58 -15.51
C PRO D 262 14.79 4.39 -16.15
N ILE D 263 15.11 5.16 -17.19
CA ILE D 263 14.10 5.95 -17.88
C ILE D 263 13.05 5.03 -18.51
N ASP D 264 13.51 3.97 -19.18
CA ASP D 264 12.58 3.00 -19.73
C ASP D 264 11.78 2.31 -18.64
N TYR D 265 12.43 2.00 -17.52
CA TYR D 265 11.73 1.38 -16.40
C TYR D 265 10.58 2.26 -15.91
N VAL D 266 10.84 3.55 -15.75
CA VAL D 266 9.81 4.46 -15.24
C VAL D 266 8.72 4.68 -16.28
N ASN D 267 9.10 4.90 -17.54
CA ASN D 267 8.13 5.27 -18.56
C ASN D 267 7.42 4.05 -19.15
N LYS D 268 8.17 3.15 -19.77
CA LYS D 268 7.60 2.02 -20.52
C LYS D 268 7.93 0.73 -19.78
N ARG D 269 7.05 0.34 -18.86
CA ARG D 269 7.15 -0.95 -18.19
C ARG D 269 5.75 -1.57 -18.13
N THR D 270 5.05 -1.55 -19.27
CA THR D 270 3.71 -2.11 -19.33
C THR D 270 3.77 -3.63 -19.35
N PRO D 271 2.71 -4.31 -18.90
CA PRO D 271 2.70 -5.79 -18.97
C PRO D 271 2.77 -6.31 -20.39
N ARG D 272 2.41 -5.51 -21.39
CA ARG D 272 2.45 -5.97 -22.78
C ARG D 272 3.83 -6.47 -23.17
N ARG D 273 4.88 -5.90 -22.58
CA ARG D 273 6.23 -6.36 -22.89
C ARG D 273 6.43 -7.80 -22.46
N ALA D 274 5.91 -8.17 -21.29
CA ALA D 274 6.02 -9.56 -20.85
C ALA D 274 5.27 -10.49 -21.79
N ALA D 275 4.08 -10.09 -22.22
CA ALA D 275 3.33 -10.90 -23.18
C ALA D 275 4.10 -11.07 -24.48
N ALA D 276 4.72 -10.00 -24.97
CA ALA D 276 5.50 -10.08 -26.20
C ALA D 276 6.69 -11.02 -26.03
N LEU D 277 7.38 -10.93 -24.88
CA LEU D 277 8.51 -11.82 -24.64
C LEU D 277 8.07 -13.27 -24.58
N ILE D 278 6.96 -13.55 -23.90
CA ILE D 278 6.46 -14.92 -23.81
C ILE D 278 6.09 -15.43 -25.20
N SER D 279 5.42 -14.59 -25.99
CA SER D 279 5.05 -14.99 -27.34
C SER D 279 6.29 -15.27 -28.18
N LEU D 280 7.33 -14.46 -28.05
CA LEU D 280 8.56 -14.69 -28.79
C LEU D 280 9.20 -16.02 -28.39
N THR D 281 9.25 -16.30 -27.09
CA THR D 281 9.85 -17.55 -26.64
C THR D 281 9.07 -18.75 -27.17
N TRP D 282 7.74 -18.71 -27.09
CA TRP D 282 6.95 -19.81 -27.60
C TRP D 282 7.08 -19.92 -29.12
N LEU D 283 7.20 -18.79 -29.82
CA LEU D 283 7.39 -18.83 -31.26
C LEU D 283 8.71 -19.50 -31.62
N ILE D 284 9.78 -19.19 -30.89
CA ILE D 284 11.05 -19.85 -31.13
C ILE D 284 10.94 -21.35 -30.87
N GLY D 285 10.28 -21.72 -29.76
CA GLY D 285 10.12 -23.13 -29.46
C GLY D 285 9.38 -23.87 -30.55
N PHE D 286 8.27 -23.30 -31.03
CA PHE D 286 7.54 -23.92 -32.14
C PHE D 286 8.38 -23.93 -33.42
N LEU D 287 9.17 -22.89 -33.65
CA LEU D 287 9.98 -22.82 -34.86
C LEU D 287 11.00 -23.96 -34.89
N ILE D 288 11.61 -24.27 -33.75
CA ILE D 288 12.61 -25.34 -33.72
C ILE D 288 12.01 -26.70 -33.35
N SER D 289 10.70 -26.76 -33.07
CA SER D 289 10.06 -28.02 -32.74
C SER D 289 9.19 -28.58 -33.87
N ILE D 290 8.66 -27.73 -34.74
CA ILE D 290 7.79 -28.14 -35.83
C ILE D 290 8.55 -28.79 -36.98
N PRO D 291 9.75 -28.33 -37.33
CA PRO D 291 10.45 -28.87 -38.51
C PRO D 291 10.49 -30.39 -38.52
N PRO D 292 10.85 -31.04 -37.41
CA PRO D 292 10.91 -32.51 -37.45
C PRO D 292 9.58 -33.15 -37.82
N MET D 293 8.45 -32.58 -37.38
CA MET D 293 7.16 -33.12 -37.75
C MET D 293 6.77 -32.71 -39.18
N LEU D 294 7.08 -31.46 -39.54
CA LEU D 294 6.70 -30.96 -40.87
C LEU D 294 7.78 -31.28 -41.90
N GLY D 295 8.99 -30.81 -41.67
CA GLY D 295 10.07 -31.02 -42.61
C GLY D 295 10.51 -32.46 -42.74
N TRP D 296 11.07 -33.00 -41.66
CA TRP D 296 11.54 -34.38 -41.68
C TRP D 296 10.43 -35.34 -41.29
N PRO D 305 12.67 -49.53 -34.23
CA PRO D 305 11.27 -49.12 -34.05
C PRO D 305 10.88 -48.99 -32.57
N ASP D 306 11.32 -49.96 -31.76
CA ASP D 306 10.99 -49.91 -30.34
C ASP D 306 11.59 -48.68 -29.67
N ALA D 307 12.83 -48.35 -30.00
CA ALA D 307 13.49 -47.21 -29.38
C ALA D 307 12.87 -45.91 -29.85
N CYS D 308 12.66 -45.00 -28.91
CA CYS D 308 12.11 -43.67 -29.18
C CYS D 308 13.23 -42.66 -28.92
N THR D 309 13.91 -42.24 -30.00
CA THR D 309 15.05 -41.35 -29.92
C THR D 309 14.90 -40.21 -30.92
N ILE D 310 15.51 -39.08 -30.58
CA ILE D 310 15.47 -37.92 -31.46
C ILE D 310 16.31 -38.18 -32.71
N SER D 311 15.94 -37.51 -33.80
CA SER D 311 16.67 -37.67 -35.05
C SER D 311 18.12 -37.23 -34.88
N LYS D 312 19.03 -37.97 -35.52
CA LYS D 312 20.47 -37.74 -35.40
C LYS D 312 21.03 -37.01 -36.62
N ASP D 313 20.18 -36.42 -37.46
CA ASP D 313 20.66 -35.69 -38.61
C ASP D 313 21.60 -34.58 -38.19
N HIS D 314 22.72 -34.44 -38.91
CA HIS D 314 23.71 -33.43 -38.56
C HIS D 314 23.10 -32.03 -38.64
N GLY D 315 22.37 -31.73 -39.70
CA GLY D 315 21.76 -30.42 -39.82
C GLY D 315 20.77 -30.16 -38.71
N TYR D 316 19.88 -31.12 -38.46
CA TYR D 316 18.87 -30.92 -37.41
C TYR D 316 19.52 -30.79 -36.05
N THR D 317 20.49 -31.64 -35.73
CA THR D 317 21.09 -31.59 -34.41
C THR D 317 21.88 -30.29 -34.20
N ILE D 318 22.65 -29.86 -35.20
CA ILE D 318 23.39 -28.62 -35.06
C ILE D 318 22.43 -27.44 -34.94
N TYR D 319 21.37 -27.42 -35.78
CA TYR D 319 20.38 -26.35 -35.68
C TYR D 319 19.76 -26.29 -34.30
N SER D 320 19.29 -27.42 -33.78
CA SER D 320 18.66 -27.42 -32.47
C SER D 320 19.63 -26.98 -31.38
N THR D 321 20.85 -27.53 -31.39
CA THR D 321 21.80 -27.22 -30.34
C THR D 321 22.16 -25.73 -30.34
N PHE D 322 22.40 -25.17 -31.53
CA PHE D 322 22.84 -23.78 -31.59
C PHE D 322 21.68 -22.81 -31.38
N GLY D 323 20.46 -23.18 -31.76
CA GLY D 323 19.33 -22.28 -31.60
C GLY D 323 18.57 -22.42 -30.30
N ALA D 324 18.86 -23.46 -29.51
CA ALA D 324 18.15 -23.68 -28.26
C ALA D 324 18.99 -23.45 -27.01
N PHE D 325 20.28 -23.76 -27.05
CA PHE D 325 21.14 -23.64 -25.87
C PHE D 325 22.28 -22.66 -26.06
N TYR D 326 23.08 -22.82 -27.12
CA TYR D 326 24.31 -22.04 -27.24
C TYR D 326 24.03 -20.55 -27.41
N ILE D 327 23.12 -20.20 -28.34
CA ILE D 327 22.80 -18.79 -28.54
C ILE D 327 22.21 -18.17 -27.28
N PRO D 328 21.16 -18.71 -26.66
CA PRO D 328 20.69 -18.16 -25.39
C PRO D 328 21.72 -18.22 -24.29
N LEU D 329 22.59 -19.24 -24.27
CA LEU D 329 23.63 -19.30 -23.26
C LEU D 329 24.57 -18.09 -23.38
N LEU D 330 25.03 -17.81 -24.61
CA LEU D 330 25.91 -16.66 -24.80
C LEU D 330 25.20 -15.35 -24.50
N LEU D 331 23.93 -15.23 -24.92
CA LEU D 331 23.19 -14.00 -24.64
C LEU D 331 23.05 -13.78 -23.14
N MET D 332 22.70 -14.82 -22.40
CA MET D 332 22.57 -14.70 -20.95
C MET D 332 23.91 -14.39 -20.30
N LEU D 333 24.99 -15.00 -20.80
CA LEU D 333 26.31 -14.71 -20.25
C LEU D 333 26.65 -13.24 -20.43
N VAL D 334 26.43 -12.70 -21.62
CA VAL D 334 26.74 -11.29 -21.88
C VAL D 334 25.88 -10.40 -21.01
N LEU D 335 24.58 -10.71 -20.92
CA LEU D 335 23.68 -9.87 -20.13
C LEU D 335 24.09 -9.87 -18.66
N TYR D 336 24.41 -11.04 -18.10
CA TYR D 336 24.76 -11.11 -16.70
C TYR D 336 26.14 -10.50 -16.42
N GLY D 337 27.05 -10.58 -17.38
CA GLY D 337 28.31 -9.86 -17.25
C GLY D 337 28.10 -8.36 -17.19
N ARG D 338 27.22 -7.84 -18.06
CA ARG D 338 26.91 -6.42 -18.01
C ARG D 338 26.25 -6.04 -16.68
N ILE D 339 25.35 -6.90 -16.19
CA ILE D 339 24.71 -6.64 -14.89
C ILE D 339 25.75 -6.60 -13.78
N PHE D 340 26.70 -7.54 -13.79
CA PHE D 340 27.74 -7.55 -12.77
C PHE D 340 28.59 -6.28 -12.85
N ARG D 341 28.95 -5.87 -14.07
CA ARG D 341 29.70 -4.64 -14.25
C ARG D 341 28.94 -3.46 -13.65
N ALA D 342 27.67 -3.32 -14.00
CA ALA D 342 26.88 -2.19 -13.52
C ALA D 342 26.73 -2.22 -12.01
N ALA D 343 26.47 -3.40 -11.45
CA ALA D 343 26.29 -3.51 -10.01
C ALA D 343 27.58 -3.16 -9.27
N ARG D 344 28.73 -3.63 -9.75
CA ARG D 344 29.99 -3.29 -9.12
C ARG D 344 30.27 -1.79 -9.23
N PHE D 345 29.96 -1.20 -10.39
CA PHE D 345 30.15 0.24 -10.55
C PHE D 345 29.28 1.02 -9.55
N ARG D 346 28.02 0.61 -9.41
CA ARG D 346 27.13 1.30 -8.47
C ARG D 346 27.61 1.14 -7.03
N ILE D 347 28.02 -0.08 -6.66
CA ILE D 347 28.42 -0.33 -5.28
C ILE D 347 29.69 0.45 -4.95
N ARG D 348 30.67 0.43 -5.86
CA ARG D 348 31.93 1.11 -5.59
C ARG D 348 31.72 2.62 -5.43
N LYS D 349 30.89 3.20 -6.30
CA LYS D 349 30.62 4.64 -6.24
C LYS D 349 29.93 5.00 -4.93
N LYS D 445 36.98 9.40 14.34
CA LYS D 445 35.53 9.26 14.22
C LYS D 445 35.15 8.93 12.78
N ASN D 446 35.79 9.60 11.83
CA ASN D 446 35.51 9.31 10.42
C ASN D 446 36.05 7.93 10.02
N GLU D 447 37.08 7.45 10.72
CA GLU D 447 37.62 6.13 10.40
C GLU D 447 36.58 5.04 10.63
N ARG D 448 35.81 5.14 11.72
CA ARG D 448 34.78 4.15 11.98
C ARG D 448 33.72 4.15 10.88
N ASN D 449 33.30 5.33 10.44
CA ASN D 449 32.32 5.41 9.37
C ASN D 449 32.86 4.83 8.08
N ALA D 450 34.13 5.13 7.76
CA ALA D 450 34.73 4.58 6.56
C ALA D 450 34.82 3.06 6.62
N GLU D 451 35.20 2.52 7.79
CA GLU D 451 35.26 1.07 7.95
C GLU D 451 33.89 0.44 7.81
N ALA D 452 32.87 1.06 8.39
CA ALA D 452 31.51 0.53 8.26
C ALA D 452 31.07 0.54 6.80
N LYS D 453 31.35 1.62 6.07
CA LYS D 453 30.99 1.69 4.67
C LYS D 453 31.71 0.62 3.86
N ARG D 454 33.01 0.43 4.14
CA ARG D 454 33.76 -0.61 3.44
C ARG D 454 33.21 -1.99 3.73
N LYS D 455 32.85 -2.26 4.98
CA LYS D 455 32.27 -3.56 5.33
C LYS D 455 30.94 -3.77 4.61
N MET D 456 30.10 -2.73 4.56
CA MET D 456 28.82 -2.85 3.87
C MET D 456 29.04 -3.10 2.38
N ALA D 457 29.99 -2.39 1.78
CA ALA D 457 30.27 -2.61 0.35
C ALA D 457 30.77 -4.02 0.10
N LEU D 458 31.65 -4.53 0.97
CA LEU D 458 32.14 -5.88 0.80
C LEU D 458 31.01 -6.90 0.94
N ALA D 459 30.12 -6.70 1.91
CA ALA D 459 29.00 -7.61 2.08
C ALA D 459 28.09 -7.59 0.86
N ARG D 460 27.81 -6.41 0.32
CA ARG D 460 26.98 -6.32 -0.88
C ARG D 460 27.64 -6.99 -2.07
N GLU D 461 28.96 -6.80 -2.22
CA GLU D 461 29.68 -7.45 -3.31
C GLU D 461 29.62 -8.96 -3.18
N ARG D 462 29.80 -9.47 -1.95
CA ARG D 462 29.72 -10.92 -1.74
C ARG D 462 28.32 -11.44 -2.05
N LYS D 463 27.29 -10.70 -1.64
CA LYS D 463 25.93 -11.12 -1.94
C LYS D 463 25.68 -11.16 -3.45
N THR D 464 26.14 -10.13 -4.16
CA THR D 464 25.96 -10.12 -5.62
C THR D 464 26.71 -11.26 -6.26
N VAL D 465 27.94 -11.53 -5.82
CA VAL D 465 28.72 -12.62 -6.39
C VAL D 465 28.02 -13.95 -6.16
N LYS D 466 27.51 -14.16 -4.94
CA LYS D 466 26.81 -15.42 -4.64
C LYS D 466 25.57 -15.56 -5.51
N THR D 467 24.79 -14.49 -5.65
CA THR D 467 23.57 -14.57 -6.46
C THR D 467 23.90 -14.90 -7.90
N LEU D 468 24.88 -14.21 -8.48
CA LEU D 468 25.26 -14.47 -9.86
C LEU D 468 25.77 -15.89 -10.02
N GLY D 469 26.60 -16.36 -9.07
CA GLY D 469 27.13 -17.70 -9.16
C GLY D 469 26.04 -18.75 -9.13
N ILE D 470 25.08 -18.60 -8.21
CA ILE D 470 23.99 -19.55 -8.12
C ILE D 470 23.17 -19.54 -9.41
N ILE D 471 22.81 -18.34 -9.88
CA ILE D 471 21.97 -18.24 -11.07
C ILE D 471 22.65 -18.88 -12.27
N MET D 472 23.95 -18.65 -12.43
CA MET D 472 24.65 -19.20 -13.58
C MET D 472 24.87 -20.70 -13.44
N GLY D 473 25.25 -21.17 -12.24
CA GLY D 473 25.53 -22.58 -12.06
C GLY D 473 24.29 -23.45 -12.21
N THR D 474 23.17 -23.04 -11.62
CA THR D 474 21.98 -23.86 -11.68
C THR D 474 21.51 -24.09 -13.11
N PHE D 475 21.94 -23.25 -14.05
CA PHE D 475 21.66 -23.46 -15.46
C PHE D 475 22.78 -24.23 -16.14
N ILE D 476 24.03 -23.82 -15.94
CA ILE D 476 25.15 -24.46 -16.62
C ILE D 476 25.25 -25.92 -16.23
N LEU D 477 25.50 -26.19 -14.95
CA LEU D 477 25.75 -27.57 -14.55
C LEU D 477 24.53 -28.46 -14.70
N CYS D 478 23.35 -27.89 -14.95
CA CYS D 478 22.13 -28.67 -15.12
C CYS D 478 21.77 -28.90 -16.57
N TRP D 479 22.23 -28.06 -17.50
CA TRP D 479 21.86 -28.21 -18.90
C TRP D 479 23.02 -28.47 -19.85
N LEU D 480 24.21 -27.90 -19.58
CA LEU D 480 25.32 -28.01 -20.52
C LEU D 480 25.71 -29.45 -20.84
N PRO D 481 25.84 -30.35 -19.86
CA PRO D 481 26.27 -31.72 -20.20
C PRO D 481 25.34 -32.41 -21.19
N PHE D 482 24.03 -32.22 -21.05
CA PHE D 482 23.09 -32.87 -21.95
C PHE D 482 23.28 -32.40 -23.38
N PHE D 483 23.42 -31.08 -23.57
CA PHE D 483 23.58 -30.56 -24.92
C PHE D 483 24.94 -30.94 -25.50
N ILE D 484 25.99 -30.97 -24.69
CA ILE D 484 27.28 -31.42 -25.18
C ILE D 484 27.20 -32.86 -25.65
N VAL D 485 26.54 -33.73 -24.86
CA VAL D 485 26.39 -35.12 -25.26
C VAL D 485 25.60 -35.22 -26.55
N ALA D 486 24.49 -34.48 -26.65
CA ALA D 486 23.65 -34.54 -27.84
C ALA D 486 24.38 -34.02 -29.06
N LEU D 487 25.34 -33.12 -28.88
CA LEU D 487 26.10 -32.60 -30.01
C LEU D 487 27.27 -33.49 -30.39
N VAL D 488 27.83 -34.22 -29.42
CA VAL D 488 29.02 -35.02 -29.71
C VAL D 488 28.63 -36.40 -30.23
N LEU D 489 27.62 -37.04 -29.63
CA LEU D 489 27.28 -38.41 -30.03
C LEU D 489 26.96 -38.52 -31.52
N PRO D 490 26.09 -37.70 -32.11
CA PRO D 490 25.76 -37.89 -33.53
C PRO D 490 26.93 -37.70 -34.46
N PHE D 491 27.96 -36.96 -34.06
CA PHE D 491 29.11 -36.70 -34.92
C PHE D 491 30.18 -37.77 -34.82
N CYS D 492 30.03 -38.75 -33.92
CA CYS D 492 30.98 -39.84 -33.76
C CYS D 492 30.22 -41.16 -33.83
N GLU D 493 30.03 -41.67 -35.05
CA GLU D 493 29.32 -42.92 -35.24
C GLU D 493 30.15 -44.13 -34.82
N SER D 494 31.48 -44.02 -34.87
CA SER D 494 32.32 -45.15 -34.49
C SER D 494 32.30 -45.39 -32.99
N SER D 495 32.32 -44.33 -32.20
CA SER D 495 32.36 -44.42 -30.74
C SER D 495 30.96 -44.15 -30.20
N CYS D 496 30.20 -45.21 -29.98
CA CYS D 496 28.85 -45.14 -29.43
C CYS D 496 28.71 -46.08 -28.24
N HIS D 497 29.77 -46.20 -27.44
CA HIS D 497 29.80 -47.08 -26.29
C HIS D 497 29.55 -46.34 -24.98
N MET D 498 28.76 -45.28 -25.02
CA MET D 498 28.50 -44.49 -23.83
C MET D 498 27.71 -45.33 -22.82
N PRO D 499 28.11 -45.35 -21.54
CA PRO D 499 27.40 -46.19 -20.57
C PRO D 499 25.96 -45.74 -20.38
N THR D 500 25.09 -46.71 -20.10
CA THR D 500 23.67 -46.42 -19.94
C THR D 500 23.42 -45.54 -18.71
N LEU D 501 24.11 -45.80 -17.61
CA LEU D 501 23.85 -45.06 -16.37
C LEU D 501 24.19 -43.59 -16.54
N LEU D 502 25.35 -43.28 -17.13
CA LEU D 502 25.73 -41.89 -17.34
C LEU D 502 24.79 -41.20 -18.32
N GLY D 503 24.42 -41.90 -19.40
CA GLY D 503 23.45 -41.32 -20.31
C GLY D 503 22.14 -40.99 -19.61
N ALA D 504 21.66 -41.89 -18.77
CA ALA D 504 20.41 -41.66 -18.05
C ALA D 504 20.53 -40.47 -17.10
N ILE D 505 21.64 -40.39 -16.36
CA ILE D 505 21.77 -39.31 -15.38
C ILE D 505 21.87 -37.97 -16.09
N ILE D 506 22.65 -37.89 -17.18
CA ILE D 506 22.76 -36.64 -17.92
C ILE D 506 21.40 -36.26 -18.52
N ASN D 507 20.68 -37.23 -19.07
CA ASN D 507 19.38 -36.93 -19.67
C ASN D 507 18.40 -36.43 -18.61
N TRP D 508 18.40 -37.04 -17.43
CA TRP D 508 17.45 -36.69 -16.40
C TRP D 508 17.84 -35.43 -15.63
N LEU D 509 19.10 -34.98 -15.73
CA LEU D 509 19.48 -33.74 -15.07
C LEU D 509 18.68 -32.57 -15.62
N GLY D 510 18.52 -32.50 -16.94
CA GLY D 510 17.74 -31.42 -17.53
C GLY D 510 16.30 -31.44 -17.05
N TYR D 511 15.68 -32.62 -17.00
CA TYR D 511 14.31 -32.73 -16.51
C TYR D 511 14.21 -32.32 -15.05
N SER D 512 15.16 -32.75 -14.22
CA SER D 512 15.18 -32.35 -12.82
C SER D 512 15.38 -30.86 -12.66
N ASN D 513 16.00 -30.21 -13.66
CA ASN D 513 16.13 -28.75 -13.62
C ASN D 513 14.78 -28.05 -13.57
N SER D 514 13.71 -28.73 -13.96
CA SER D 514 12.39 -28.09 -14.02
C SER D 514 11.93 -27.57 -12.67
N LEU D 515 12.38 -28.19 -11.56
CA LEU D 515 11.94 -27.78 -10.24
C LEU D 515 12.92 -26.85 -9.53
N LEU D 516 14.17 -26.78 -9.98
CA LEU D 516 15.14 -25.87 -9.39
C LEU D 516 14.91 -24.42 -9.83
N ASN D 517 14.43 -24.22 -11.06
CA ASN D 517 14.16 -22.86 -11.54
C ASN D 517 13.11 -22.16 -10.68
N PRO D 518 11.94 -22.73 -10.42
CA PRO D 518 11.00 -22.04 -9.50
C PRO D 518 11.56 -21.86 -8.10
N VAL D 519 12.37 -22.79 -7.62
CA VAL D 519 12.92 -22.67 -6.26
C VAL D 519 13.87 -21.49 -6.19
N ILE D 520 14.70 -21.28 -7.20
CA ILE D 520 15.71 -20.23 -7.17
C ILE D 520 15.11 -18.88 -7.55
N TYR D 521 14.35 -18.83 -8.64
CA TYR D 521 13.87 -17.54 -9.15
C TYR D 521 12.73 -16.99 -8.31
N ALA D 522 11.89 -17.85 -7.74
CA ALA D 522 10.67 -17.44 -7.06
C ALA D 522 10.73 -17.63 -5.55
N TYR D 523 11.05 -18.83 -5.09
CA TYR D 523 10.98 -19.13 -3.66
C TYR D 523 12.02 -18.38 -2.84
N PHE D 524 13.00 -17.74 -3.48
CA PHE D 524 14.10 -17.13 -2.75
C PHE D 524 13.82 -15.68 -2.37
N ASN D 525 13.34 -14.87 -3.30
CA ASN D 525 13.15 -13.45 -3.02
C ASN D 525 12.16 -13.26 -1.87
N LYS D 526 12.41 -12.24 -1.06
CA LYS D 526 11.70 -12.09 0.20
C LYS D 526 10.20 -11.90 -0.02
N ASP D 527 9.82 -11.07 -1.00
CA ASP D 527 8.41 -10.74 -1.18
C ASP D 527 7.57 -11.99 -1.43
N PHE D 528 8.11 -12.96 -2.19
CA PHE D 528 7.32 -14.13 -2.57
C PHE D 528 7.13 -15.07 -1.38
N GLN D 529 8.16 -15.24 -0.56
CA GLN D 529 7.99 -16.04 0.66
C GLN D 529 7.07 -15.35 1.66
N ASN D 530 7.13 -14.01 1.73
CA ASN D 530 6.15 -13.30 2.56
C ASN D 530 4.74 -13.50 2.03
N ALA D 531 4.59 -13.55 0.71
CA ALA D 531 3.29 -13.85 0.13
C ALA D 531 2.81 -15.24 0.54
N PHE D 532 3.71 -16.23 0.50
CA PHE D 532 3.36 -17.55 1.01
C PHE D 532 2.90 -17.48 2.47
N LYS D 533 3.67 -16.80 3.31
CA LYS D 533 3.33 -16.73 4.73
C LYS D 533 1.96 -16.08 4.92
N LYS D 534 1.66 -15.05 4.14
CA LYS D 534 0.33 -14.45 4.18
C LYS D 534 -0.74 -15.45 3.77
N ILE D 535 -0.45 -16.25 2.74
CA ILE D 535 -1.43 -17.23 2.28
C ILE D 535 -1.76 -18.22 3.39
N ILE D 536 -0.74 -18.71 4.10
CA ILE D 536 -0.94 -19.64 5.18
C ILE D 536 -1.83 -19.01 6.25
O12 J40 E . 20.60 -15.00 0.15
P1 J40 E . 19.43 -15.81 -0.12
O13 J40 E . 18.76 -16.40 1.27
O11 J40 E . 20.00 -16.89 -0.93
O6 J40 E . 20.14 -16.00 -2.95
O1 J40 E . 18.29 -14.97 -0.97
C1 J40 E . 18.65 -14.31 -2.15
C6 J40 E . 18.93 -15.35 -3.24
C2 J40 E . 17.49 -13.39 -2.52
O2 J40 E . 16.30 -14.12 -2.52
C3 J40 E . 17.70 -12.78 -3.90
O3 J40 E . 16.61 -11.95 -4.22
C4 J40 E . 17.80 -13.90 -4.93
O4 J40 E . 17.89 -13.37 -6.22
P4 J40 E . 17.01 -14.06 -7.42
O41 J40 E . 17.78 -14.35 -8.63
O42 J40 E . 15.88 -13.26 -7.89
O43 J40 E . 16.42 -15.34 -7.07
C5 J40 E . 19.05 -14.71 -4.62
O5 J40 E . 19.22 -15.71 -5.59
C7 J40 E . 19.61 -16.82 2.30
C8 J40 E . 19.47 -18.33 2.49
C9 J40 E . 18.13 -18.61 3.16
O16 J40 E . 19.52 -18.96 1.25
C10 J40 E . 20.82 -19.14 0.75
O17 J40 E . 21.59 -18.24 0.74
O18 J40 E . 17.27 -19.29 2.27
C11 J40 E . 17.08 -20.65 2.56
O19 J40 E . 17.98 -21.31 2.92
C12 J40 E . 21.26 -20.50 0.19
C13 J40 E . 22.31 -20.26 -0.89
C14 J40 E . 22.74 -21.59 -1.50
C15 J40 E . 24.27 -21.62 -1.65
C16 J40 E . 24.99 -21.90 -0.33
C17 J40 E . 26.51 -21.99 -0.49
C18 J40 E . 26.90 -23.40 -0.93
C19 J40 E . 28.37 -23.51 -1.31
C20 J40 E . 28.89 -24.94 -1.23
C21 J40 E . 30.23 -25.06 -1.94
C22 J40 E . 31.16 -23.86 -1.75
C23 J40 E . 31.61 -23.65 -0.31
C24 J40 E . 32.94 -24.37 -0.09
C31 J40 E . 15.69 -21.26 2.38
C32 J40 E . 15.54 -21.78 0.96
C33 J40 E . 14.35 -22.75 0.90
C34 J40 E . 13.73 -22.68 -0.49
C35 J40 E . 12.59 -23.69 -0.60
C36 J40 E . 13.14 -25.07 -0.97
C37 J40 E . 12.07 -26.12 -0.77
C38 J40 E . 10.98 -26.00 -1.83
C39 J40 E . 10.84 -27.32 -2.58
C40 J40 E . 9.90 -27.13 -3.78
C25 J40 E . 34.14 -23.43 -0.08
C26 J40 E . 34.32 -22.69 -1.41
C41 J40 E . 8.59 -27.87 -3.52
C42 J40 E . 7.84 -27.22 -2.36
C43 J40 E . 6.36 -27.58 -2.45
C1 CLR F . 19.53 -44.53 -11.86
C2 CLR F . 19.74 -45.70 -12.80
C3 CLR F . 18.49 -46.03 -13.68
C4 CLR F . 18.01 -44.68 -14.35
C5 CLR F . 17.88 -43.58 -13.39
C6 CLR F . 16.66 -42.78 -13.46
C7 CLR F . 16.41 -41.66 -12.54
C8 CLR F . 17.70 -41.12 -11.94
C9 CLR F . 18.55 -42.26 -11.33
C10 CLR F . 19.02 -43.22 -12.50
C11 CLR F . 19.71 -41.75 -10.42
C12 CLR F . 19.46 -40.50 -9.55
C13 CLR F . 18.71 -39.41 -10.29
C14 CLR F . 17.42 -40.07 -10.85
C15 CLR F . 16.53 -38.88 -11.25
C16 CLR F . 17.02 -37.70 -10.39
C17 CLR F . 18.10 -38.22 -9.44
C18 CLR F . 19.63 -38.85 -11.40
C19 CLR F . 20.17 -42.58 -13.33
C20 CLR F . 19.08 -37.13 -8.86
C21 CLR F . 19.50 -37.51 -7.44
C22 CLR F . 18.49 -35.69 -8.85
C23 CLR F . 19.21 -34.67 -7.93
C24 CLR F . 18.87 -33.18 -8.18
C25 CLR F . 17.34 -32.93 -8.32
C26 CLR F . 17.00 -31.46 -8.55
C27 CLR F . 16.54 -33.44 -7.11
O1 CLR F . 18.71 -46.98 -14.54
C1 CLR G . 29.35 -20.11 -3.62
C2 CLR G . 30.05 -18.83 -3.15
C3 CLR G . 31.39 -18.57 -3.89
C4 CLR G . 31.10 -18.67 -5.45
C5 CLR G . 30.40 -19.89 -5.81
C6 CLR G . 30.81 -20.55 -7.06
C7 CLR G . 30.25 -21.84 -7.47
C8 CLR G . 28.85 -22.08 -6.91
C9 CLR G . 28.75 -21.77 -5.42
C10 CLR G . 29.12 -20.26 -5.14
C11 CLR G . 27.40 -22.22 -4.78
C12 CLR G . 26.76 -23.53 -5.28
C13 CLR G . 26.89 -23.75 -6.77
C14 CLR G . 28.38 -23.53 -7.14
C15 CLR G . 28.52 -24.10 -8.54
C16 CLR G . 27.43 -25.18 -8.66
C17 CLR G . 26.64 -25.21 -7.33
C18 CLR G . 25.95 -22.75 -7.49
C19 CLR G . 27.97 -19.32 -5.58
C20 CLR G . 25.15 -25.71 -7.48
C21 CLR G . 24.39 -25.54 -6.17
C22 CLR G . 25.04 -27.21 -7.92
C23 CLR G . 23.68 -27.60 -8.53
C24 CLR G . 23.72 -28.84 -9.45
C25 CLR G . 22.32 -29.51 -9.69
C26 CLR G . 22.33 -30.44 -10.90
C27 CLR G . 21.82 -30.29 -8.46
O1 CLR G . 31.95 -17.45 -3.55
C1 CLR H . -6.16 -16.86 -15.92
C2 CLR H . -6.47 -15.42 -15.54
C3 CLR H . -6.85 -15.24 -14.03
C4 CLR H . -5.70 -15.93 -13.19
C5 CLR H . -5.42 -17.29 -13.62
C6 CLR H . -5.18 -18.28 -12.56
C7 CLR H . -4.92 -19.69 -12.87
C8 CLR H . -4.43 -19.91 -14.30
C9 CLR H . -5.25 -19.14 -15.33
C10 CLR H . -5.12 -17.59 -15.05
C11 CLR H . -4.95 -19.55 -16.80
C12 CLR H . -4.61 -21.03 -17.11
C13 CLR H . -3.77 -21.72 -16.03
C14 CLR H . -4.46 -21.41 -14.67
C15 CLR H . -3.82 -22.37 -13.68
C16 CLR H . -3.36 -23.58 -14.53
C17 CLR H . -3.75 -23.30 -16.00
C18 CLR H . -2.34 -21.15 -16.12
C19 CLR H . -3.69 -17.09 -15.40
C20 CLR H . -2.87 -24.09 -17.03
C21 CLR H . -3.57 -24.14 -18.40
C22 CLR H . -2.51 -25.54 -16.58
C23 CLR H . -2.05 -26.51 -17.70
C24 CLR H . -1.39 -27.82 -17.20
C25 CLR H . -1.19 -28.88 -18.32
C26 CLR H . -2.50 -29.51 -18.79
C27 CLR H . -0.43 -28.34 -19.53
O1 CLR H . -7.05 -13.99 -13.69
C1 CLR I . 0.46 -19.89 -23.09
C2 CLR I . 0.15 -21.18 -23.84
C3 CLR I . -0.10 -22.40 -22.90
C4 CLR I . -1.17 -21.96 -21.82
C5 CLR I . -0.84 -20.68 -21.18
C6 CLR I . -0.90 -20.65 -19.71
C7 CLR I . -0.64 -19.41 -18.95
C8 CLR I . -0.70 -18.17 -19.83
C9 CLR I . 0.11 -18.33 -21.12
C10 CLR I . -0.56 -19.48 -22.00
C11 CLR I . 0.36 -17.00 -21.88
C12 CLR I . 0.56 -15.71 -21.06
C13 CLR I . -0.36 -15.61 -19.85
C14 CLR I . -0.18 -16.94 -19.06
C15 CLR I . -0.80 -16.65 -17.69
C16 CLR I . -0.76 -15.12 -17.54
C17 CLR I . -0.01 -14.54 -18.75
C18 CLR I . -1.82 -15.42 -20.38
C19 CLR I . -1.85 -18.97 -22.68
C20 CLR I . -0.29 -13.02 -19.05
C21 CLR I . 0.90 -12.41 -19.77
C22 CLR I . -0.61 -12.14 -17.80
C23 CLR I . -0.79 -10.64 -18.10
C24 CLR I . -1.64 -9.83 -17.08
C25 CLR I . -2.62 -8.82 -17.75
C26 CLR I . -3.45 -8.05 -16.74
C27 CLR I . -1.91 -7.83 -18.68
O1 CLR I . -0.45 -23.48 -23.55
C1 PLM J . 1.20 -9.50 -28.58
O1 PLM J . 2.29 -8.86 -28.48
O2 PLM J . 1.19 -10.64 -29.09
C2 PLM J . -0.10 -8.87 -28.10
C3 PLM J . -0.39 -9.34 -26.68
C4 PLM J . -1.80 -8.89 -26.27
C5 PLM J . -2.09 -9.36 -24.85
C6 PLM J . -2.51 -10.83 -24.86
C7 PLM J . -1.84 -11.58 -23.71
C8 PLM J . -2.00 -13.08 -23.92
C9 PLM J . -0.84 -13.61 -24.76
CA PLM J . -1.19 -15.01 -25.26
CB PLM J . 0.06 -15.67 -25.85
CC PLM J . -0.29 -17.09 -26.28
CD PLM J . 0.88 -17.71 -27.05
CE PLM J . 0.45 -19.06 -27.61
CF PLM J . 1.57 -20.08 -27.42
CG PLM J . 1.08 -21.45 -27.89
C1 CLR K . 4.47 -47.74 -11.66
C2 CLR K . 4.86 -49.15 -12.02
C3 CLR K . 4.03 -49.74 -13.22
C4 CLR K . 4.06 -48.68 -14.39
C5 CLR K . 3.73 -47.32 -13.94
C6 CLR K . 2.89 -46.52 -14.84
C7 CLR K . 2.45 -45.16 -14.48
C8 CLR K . 3.38 -44.49 -13.48
C9 CLR K . 3.69 -45.41 -12.28
C10 CLR K . 4.45 -46.70 -12.80
C11 CLR K . 4.38 -44.67 -11.10
C12 CLR K . 3.94 -43.23 -10.79
C13 CLR K . 3.73 -42.38 -12.03
C14 CLR K . 2.77 -43.18 -12.95
C15 CLR K . 2.31 -42.16 -13.99
C16 CLR K . 2.46 -40.79 -13.32
C17 CLR K . 2.96 -41.01 -11.88
C18 CLR K . 5.13 -42.15 -12.68
C19 CLR K . 5.91 -46.37 -13.21
C20 CLR K . 3.71 -39.77 -11.27
C21 CLR K . 3.84 -39.95 -9.75
C22 CLR K . 3.03 -38.40 -11.55
C23 CLR K . 1.57 -38.25 -11.07
C24 CLR K . 0.90 -36.89 -11.41
C25 CLR K . 0.04 -36.32 -10.25
C26 CLR K . 0.86 -35.95 -9.02
C27 CLR K . -0.78 -35.09 -10.69
O1 CLR K . 4.44 -50.92 -13.59
C1 CLR L . 17.72 -25.68 0.00
C2 CLR L . 18.57 -24.48 0.39
C3 CLR L . 20.08 -24.69 0.13
C4 CLR L . 20.23 -25.15 -1.37
C5 CLR L . 19.37 -26.28 -1.72
C6 CLR L . 19.96 -27.34 -2.53
C7 CLR L . 19.23 -28.59 -2.82
C8 CLR L . 17.72 -28.40 -2.76
C9 CLR L . 17.27 -27.67 -1.48
C10 CLR L . 17.90 -26.22 -1.43
C11 CLR L . 15.73 -27.70 -1.26
C12 CLR L . 14.98 -28.99 -1.63
C13 CLR L . 15.44 -29.59 -2.95
C14 CLR L . 16.98 -29.75 -2.84
C15 CLR L . 17.36 -30.68 -3.98
C16 CLR L . 16.11 -31.50 -4.28
C17 CLR L . 15.01 -31.07 -3.29
C18 CLR L . 15.01 -28.63 -4.07
C19 CLR L . 17.19 -25.28 -2.43
C20 CLR L . 13.55 -31.33 -3.82
C21 CLR L . 12.54 -31.05 -2.70
C22 CLR L . 13.32 -32.76 -4.37
C23 CLR L . 13.64 -33.92 -3.40
C24 CLR L . 13.19 -35.32 -3.87
C25 CLR L . 14.02 -35.88 -5.05
C26 CLR L . 15.42 -36.36 -4.62
C27 CLR L . 13.31 -37.02 -5.79
O1 CLR L . 20.80 -23.65 0.43
C1 CLR M . 33.83 -11.31 -16.62
C2 CLR M . 33.79 -10.54 -15.31
C3 CLR M . 33.44 -9.03 -15.49
C4 CLR M . 32.13 -8.96 -16.36
C5 CLR M . 32.21 -9.75 -17.58
C6 CLR M . 31.60 -9.16 -18.78
C7 CLR M . 31.76 -9.78 -20.10
C8 CLR M . 31.97 -11.28 -20.03
C9 CLR M . 33.02 -11.70 -18.98
C10 CLR M . 32.60 -11.19 -17.54
C11 CLR M . 33.36 -13.21 -19.06
C12 CLR M . 33.48 -13.86 -20.46
C13 CLR M . 32.43 -13.40 -21.45
C14 CLR M . 32.44 -11.84 -21.39
C15 CLR M . 31.65 -11.41 -22.61
C16 CLR M . 31.90 -12.50 -23.66
C17 CLR M . 32.69 -13.65 -22.99
C18 CLR M . 31.07 -14.00 -21.02
C19 CLR M . 31.44 -12.05 -16.98
C20 CLR M . 32.33 -15.05 -23.62
C21 CLR M . 33.06 -16.18 -22.87
C22 CLR M . 32.68 -15.10 -25.14
C23 CLR M . 32.60 -16.48 -25.85
C24 CLR M . 32.76 -16.43 -27.39
C25 CLR M . 33.00 -17.82 -28.07
C26 CLR M . 34.33 -18.46 -27.67
C27 CLR M . 31.87 -18.81 -27.79
O1 CLR M . 33.35 -8.39 -14.36
C1 CLR N . -4.01 -41.35 -27.71
C2 CLR N . -4.19 -41.60 -29.20
C3 CLR N . -4.19 -40.29 -30.05
C4 CLR N . -2.92 -39.46 -29.65
C5 CLR N . -2.77 -39.30 -28.19
C6 CLR N . -2.40 -37.97 -27.71
C7 CLR N . -2.27 -37.67 -26.27
C8 CLR N . -2.00 -38.93 -25.45
C9 CLR N . -3.00 -40.05 -25.79
C10 CLR N . -2.80 -40.48 -27.29
C11 CLR N . -3.01 -41.21 -24.75
C12 CLR N . -2.84 -40.85 -23.27
C13 CLR N . -1.74 -39.84 -23.01
C14 CLR N . -2.05 -38.62 -23.95
C15 CLR N . -1.11 -37.53 -23.42
C16 CLR N . -0.89 -37.85 -21.94
C17 CLR N . -1.70 -39.13 -21.61
C18 CLR N . -0.40 -40.54 -23.31
C19 CLR N . -1.50 -41.30 -27.45
C20 CLR N . -1.14 -39.94 -20.37
C21 CLR N . -2.19 -40.94 -19.89
C22 CLR N . -0.72 -39.04 -19.17
C23 CLR N . -1.82 -38.11 -18.60
C24 CLR N . -1.36 -37.18 -17.45
C25 CLR N . -2.08 -37.44 -16.10
C26 CLR N . -1.81 -38.85 -15.55
C27 CLR N . -1.71 -36.41 -15.02
O1 CLR N . -4.25 -40.52 -31.33
C1 CLR O . 35.29 -44.84 -23.26
C2 CLR O . 35.56 -46.29 -23.58
C3 CLR O . 36.01 -47.12 -22.33
C4 CLR O . 34.95 -46.88 -21.20
C5 CLR O . 34.70 -45.45 -20.96
C6 CLR O . 34.54 -45.05 -19.56
C7 CLR O . 34.38 -43.63 -19.18
C8 CLR O . 33.82 -42.78 -20.31
C9 CLR O . 34.53 -43.03 -21.65
C10 CLR O . 34.33 -44.54 -22.08
C11 CLR O . 34.15 -42.00 -22.75
C12 CLR O . 33.92 -40.53 -22.33
C13 CLR O . 33.18 -40.37 -21.00
C14 CLR O . 33.94 -41.29 -19.98
C15 CLR O . 33.42 -40.84 -18.61
C16 CLR O . 33.02 -39.37 -18.79
C17 CLR O . 33.26 -38.98 -20.27
C18 CLR O . 31.72 -40.79 -21.22
C19 CLR O . 32.87 -44.80 -22.51
C20 CLR O . 32.34 -37.80 -20.75
C21 CLR O . 32.77 -37.33 -22.15
C22 CLR O . 32.31 -36.57 -19.78
C23 CLR O . 31.36 -35.41 -20.17
C24 CLR O . 31.31 -34.24 -19.15
C25 CLR O . 30.19 -33.20 -19.43
C26 CLR O . 30.04 -32.19 -18.28
C27 CLR O . 30.39 -32.41 -20.73
O1 CLR O . 36.20 -48.38 -22.60
C1 CLR P . 8.75 -20.44 4.71
C2 CLR P . 9.92 -19.54 5.04
C3 CLR P . 11.32 -20.18 4.71
C4 CLR P . 11.25 -20.69 3.22
C5 CLR P . 10.07 -21.51 2.94
C6 CLR P . 10.31 -22.85 2.40
C7 CLR P . 9.22 -23.69 1.86
C8 CLR P . 7.84 -23.05 1.99
C9 CLR P . 7.67 -22.22 3.27
C10 CLR P . 8.70 -21.02 3.27
C11 CLR P . 6.20 -21.78 3.53
C12 CLR P . 5.06 -22.75 3.14
C13 CLR P . 5.30 -23.49 1.83
C14 CLR P . 6.73 -24.11 1.93
C15 CLR P . 6.79 -25.12 0.80
C16 CLR P . 5.33 -25.56 0.58
C17 CLR P . 4.42 -24.77 1.54
C18 CLR P . 5.17 -22.47 0.68
C19 CLR P . 8.27 -19.92 2.28
C20 CLR P . 2.96 -24.55 1.00
C21 CLR P . 2.17 -23.66 1.96
C22 CLR P . 2.17 -25.87 0.74
C23 CLR P . 0.81 -25.70 0.03
C24 CLR P . 0.27 -26.95 -0.71
C25 CLR P . -1.01 -26.67 -1.56
C26 CLR P . -1.27 -27.75 -2.60
C27 CLR P . -2.26 -26.51 -0.68
O1 CLR P . 12.31 -19.37 4.93
C1 PLM Q . 33.27 -13.72 -10.72
O1 PLM Q . 34.10 -13.57 -11.64
O2 PLM Q . 33.01 -12.76 -9.93
C2 PLM Q . 32.57 -15.07 -10.53
C3 PLM Q . 31.25 -15.06 -11.29
C4 PLM Q . 30.43 -16.29 -10.92
C5 PLM Q . 31.10 -17.55 -11.47
C6 PLM Q . 30.13 -18.72 -11.40
C7 PLM Q . 30.89 -20.02 -11.65
C8 PLM Q . 29.95 -21.08 -12.20
C9 PLM Q . 30.72 -22.37 -12.39
CA PLM Q . 30.53 -22.89 -13.82
CB PLM Q . 31.54 -24.01 -14.08
CC PLM Q . 31.42 -24.48 -15.53
CD PLM Q . 32.53 -25.48 -15.83
CE PLM Q . 31.98 -26.90 -15.78
CF PLM Q . 31.24 -27.23 -17.08
CG PLM Q . 30.75 -28.67 -17.02
C1 PLM R . -9.20 -18.31 -8.78
O1 PLM R . -9.07 -17.15 -9.25
O2 PLM R . -10.34 -18.88 -8.82
C2 PLM R . -8.01 -19.03 -8.18
C3 PLM R . -7.35 -19.90 -9.24
C4 PLM R . -6.36 -20.85 -8.58
C5 PLM R . -5.57 -21.60 -9.65
C6 PLM R . -4.83 -22.78 -9.03
C7 PLM R . -4.16 -23.60 -10.14
C8 PLM R . -3.67 -24.93 -9.58
C9 PLM R . -3.16 -25.79 -10.73
CA PLM R . -2.91 -27.21 -10.23
CB PLM R . -2.39 -28.07 -11.38
CC PLM R . -2.53 -29.55 -11.03
CD PLM R . -2.30 -30.40 -12.28
CE PLM R . -2.81 -31.81 -12.04
CF PLM R . -2.95 -32.55 -13.38
CG PLM R . -3.68 -33.86 -13.16
#